data_5FKB
#
_entry.id   5FKB
#
_cell.length_a   74.526
_cell.length_b   205.019
_cell.length_c   145.988
_cell.angle_alpha   90.00
_cell.angle_beta   90.00
_cell.angle_gamma   90.00
#
_symmetry.space_group_name_H-M   'P 21 21 2'
#
loop_
_entity.id
_entity.type
_entity.pdbx_description
1 polymer BETA-FRUCTOFURANOSIDASE
2 branched alpha-D-mannopyranose-(1-2)-alpha-D-mannopyranose-(1-3)-[alpha-D-mannopyranose-(1-3)-alpha-D-mannopyranose-(1-6)]beta-D-mannopyranose-(1-4)-2-acetamido-2-deoxy-beta-D-glucopyranose-(1-4)-2-acetamido-2-deoxy-beta-D-glucopyranose
3 branched alpha-D-mannopyranose-(1-2)-alpha-D-mannopyranose-(1-2)-alpha-D-mannopyranose-(1-3)-[alpha-D-mannopyranose-(1-2)-alpha-D-mannopyranose-(1-6)-[alpha-D-mannopyranose-(1-3)]alpha-D-mannopyranose-(1-6)]beta-D-mannopyranose-(1-4)-2-acetamido-2-deoxy-beta-D-glucopyranose-(1-4)-2-acetamido-2-deoxy-beta-D-glucopyranose
4 branched 2-acetamido-2-deoxy-beta-D-glucopyranose-(1-4)-2-acetamido-2-deoxy-beta-D-glucopyranose
5 branched beta-D-fructofuranose-(2-1)-beta-D-fructofuranose-(2-1)-alpha-D-glucopyranose
6 branched alpha-D-mannopyranose-(1-3)-alpha-D-mannopyranose-(1-6)-[alpha-D-mannopyranose-(1-3)]beta-D-mannopyranose-(1-4)-2-acetamido-2-deoxy-beta-D-glucopyranose-(1-4)-2-acetamido-2-deoxy-beta-D-glucopyranose
7 non-polymer 2-acetamido-2-deoxy-beta-D-glucopyranose
8 water water
#
_entity_poly.entity_id   1
_entity_poly.type   'polypeptide(L)'
_entity_poly.pdbx_seq_one_letter_code
;APLLKTLPFLAAAYAAELDLPNFSALNRRQDNSTSSSAGCSLDQTVAPGNLTLCGNATLFTTFRPKARFIAPEGWMNAPM
GLYQRADGSIHAGYQSHPKHIQWGNISQGAAYSSDFTSWTDFNGSEGYKTIWPSQIYDIRGVFDGSIIKEGIDGYPTILY
TSTSFGPLGATLNEAEGTETQSLAYTTDDGASWIKLGYGAGQNPVIYEWPETNLTGFRDPYVFQSPRLEALLANTTSITN
ATGDHFATISGGVHGDGARLFLYRQHTTGEFIKWTYLGPLVTTGYKESYGEWSGNYGINFETAGVTRLNPAGAAWDNGSD
TTAVDFVTFGTEQGRADHQNHWPLWAAVDYEVRDNGSIEAVIAYSGVQDWGRSYAYASFPVEGYRQVSVGWIYEDDDNVI
LAKQFGYQGAFTLFRDLFVKVVENVSPSTPGLFEQASWSTKNSTDGMSVTVTTLGQRVVPETLAAYKGNSTVSTLAPVML
NESAAAYTPFSSQPTDRFYALTGSFEFGLNTTAKAGFRVLASEEEYTDIWFDPASENLTVVRTASSLIKSFGNDTELAKV
KLYEIVGAESKTLNLTVFVDGSVIEIYANDEVALSTRAYPWLANSTGAGLLADGTTAGDVVGVSGLELWDGLVDAWPARP
ANTSQGLVWDGPTAAMYGLFAGY
;
_entity_poly.pdbx_strand_id   A,B
#
# COMPACT_ATOMS: atom_id res chain seq x y z
N CYS A 40 30.49 24.40 -17.22
CA CYS A 40 30.06 23.36 -16.24
C CYS A 40 30.18 21.94 -16.80
N SER A 41 31.17 21.20 -16.30
CA SER A 41 31.32 19.79 -16.62
C SER A 41 30.66 18.97 -15.53
N LEU A 42 29.92 17.94 -15.94
CA LEU A 42 29.32 16.97 -15.03
C LEU A 42 30.06 15.63 -15.06
N ASP A 43 31.36 15.68 -15.40
CA ASP A 43 32.18 14.48 -15.49
C ASP A 43 32.58 14.04 -14.08
N GLN A 44 31.95 12.98 -13.60
CA GLN A 44 32.25 12.44 -12.26
C GLN A 44 33.37 11.39 -12.26
N THR A 45 34.11 11.28 -13.37
CA THR A 45 35.32 10.45 -13.41
C THR A 45 36.59 11.27 -13.20
N VAL A 46 36.46 12.60 -13.10
CA VAL A 46 37.57 13.50 -12.84
C VAL A 46 37.21 14.45 -11.71
N ALA A 47 38.19 15.22 -11.24
CA ALA A 47 37.98 16.17 -10.16
C ALA A 47 36.89 17.16 -10.54
N PRO A 48 36.10 17.62 -9.54
CA PRO A 48 35.04 18.57 -9.86
C PRO A 48 35.61 19.92 -10.25
N GLY A 49 35.01 20.55 -11.25
CA GLY A 49 35.36 21.91 -11.61
C GLY A 49 34.73 22.93 -10.68
N ASN A 50 34.51 24.12 -11.21
CA ASN A 50 33.82 25.17 -10.49
C ASN A 50 32.33 24.91 -10.73
N LEU A 51 31.70 24.20 -9.79
CA LEU A 51 30.31 23.81 -9.96
C LEU A 51 29.33 24.98 -9.78
N THR A 52 29.79 26.10 -9.23
CA THR A 52 28.96 27.32 -9.13
C THR A 52 28.63 27.93 -10.50
N LEU A 53 29.38 27.54 -11.54
CA LEU A 53 29.06 27.94 -12.92
C LEU A 53 27.93 27.11 -13.53
N CYS A 54 27.55 26.00 -12.90
CA CYS A 54 26.51 25.14 -13.42
C CYS A 54 25.14 25.81 -13.27
N GLY A 55 24.25 25.47 -14.20
CA GLY A 55 22.92 26.06 -14.26
C GLY A 55 22.02 25.52 -13.17
N ASN A 56 20.83 26.10 -13.09
CA ASN A 56 19.83 25.69 -12.11
C ASN A 56 19.43 24.24 -12.30
N ALA A 57 19.41 23.48 -11.21
CA ALA A 57 18.99 22.07 -11.22
C ALA A 57 19.84 21.15 -12.13
N THR A 58 21.05 21.59 -12.52
CA THR A 58 21.94 20.72 -13.30
C THR A 58 22.54 19.62 -12.45
N LEU A 59 22.58 19.81 -11.13
CA LEU A 59 22.99 18.78 -10.20
C LEU A 59 21.78 18.14 -9.48
N PHE A 60 20.64 18.09 -10.15
CA PHE A 60 19.40 17.63 -9.49
C PHE A 60 19.49 16.19 -9.01
N THR A 61 19.97 15.28 -9.87
CA THR A 61 20.04 13.86 -9.52
C THR A 61 21.35 13.44 -8.84
N THR A 62 22.37 14.28 -8.90
CA THR A 62 23.73 13.89 -8.50
C THR A 62 23.85 13.36 -7.08
N PHE A 63 23.21 14.06 -6.14
CA PHE A 63 23.30 13.74 -4.72
C PHE A 63 21.93 13.40 -4.10
N ARG A 64 20.93 13.15 -4.93
CA ARG A 64 19.54 13.21 -4.48
C ARG A 64 19.07 11.89 -3.86
N PRO A 65 18.49 11.92 -2.64
CA PRO A 65 17.89 10.70 -2.12
C PRO A 65 16.80 10.13 -3.04
N LYS A 66 16.74 8.80 -3.13
CA LYS A 66 15.72 8.09 -3.92
C LYS A 66 14.78 7.20 -3.09
N ALA A 67 15.16 6.88 -1.85
CA ALA A 67 14.49 5.85 -1.05
C ALA A 67 13.69 6.39 0.14
N ARG A 68 13.44 7.69 0.16
CA ARG A 68 12.79 8.35 1.29
C ARG A 68 11.85 9.44 0.85
N PHE A 69 11.13 10.00 1.83
CA PHE A 69 10.24 11.11 1.58
C PHE A 69 11.06 12.36 1.27
N ILE A 70 10.74 12.98 0.14
CA ILE A 70 11.32 14.25 -0.29
C ILE A 70 10.32 14.93 -1.23
N ALA A 71 10.31 16.26 -1.21
CA ALA A 71 9.45 17.04 -2.10
C ALA A 71 9.85 16.78 -3.56
N PRO A 72 8.93 17.00 -4.52
CA PRO A 72 9.34 16.85 -5.92
C PRO A 72 10.49 17.77 -6.35
N GLU A 73 10.55 18.97 -5.79
CA GLU A 73 11.61 19.93 -6.10
C GLU A 73 11.54 21.07 -5.10
N GLY A 74 12.58 21.91 -5.13
CA GLY A 74 12.59 23.12 -4.35
C GLY A 74 12.84 22.91 -2.87
N TRP A 75 12.41 23.89 -2.09
CA TRP A 75 12.68 23.95 -0.67
C TRP A 75 11.64 23.16 0.12
N MET A 76 12.10 22.33 1.05
CA MET A 76 11.23 21.77 2.09
C MET A 76 11.88 21.89 3.45
N ASN A 77 11.05 21.94 4.49
CA ASN A 77 11.55 21.76 5.85
C ASN A 77 10.64 20.85 6.68
N ALA A 78 10.02 21.34 7.76
CA ALA A 78 9.40 20.49 8.78
C ALA A 78 8.24 19.64 8.24
N PRO A 79 8.17 18.36 8.67
CA PRO A 79 6.96 17.58 8.50
C PRO A 79 5.82 18.28 9.21
N MET A 80 4.62 18.09 8.70
CA MET A 80 3.42 18.68 9.29
C MET A 80 2.20 17.88 8.87
N GLY A 81 1.09 18.14 9.55
CA GLY A 81 -0.21 17.56 9.19
C GLY A 81 -0.24 16.05 9.05
N LEU A 82 0.53 15.36 9.89
CA LEU A 82 0.70 13.93 9.79
C LEU A 82 -0.51 13.22 10.38
N TYR A 83 -1.11 12.31 9.61
CA TYR A 83 -2.18 11.48 10.16
C TYR A 83 -2.42 10.24 9.33
N GLN A 84 -2.92 9.20 10.01
CA GLN A 84 -3.36 8.01 9.34
C GLN A 84 -4.80 8.21 8.93
N ARG A 85 -5.05 8.13 7.63
CA ARG A 85 -6.37 8.38 7.06
C ARG A 85 -7.29 7.18 7.33
N ALA A 86 -8.57 7.38 7.07
CA ALA A 86 -9.60 6.35 7.32
C ALA A 86 -9.34 5.04 6.56
N ASP A 87 -8.73 5.13 5.36
CA ASP A 87 -8.38 3.92 4.60
C ASP A 87 -7.10 3.23 5.05
N GLY A 88 -6.47 3.71 6.13
CA GLY A 88 -5.24 3.12 6.67
C GLY A 88 -3.96 3.72 6.12
N SER A 89 -4.07 4.50 5.04
CA SER A 89 -2.87 5.13 4.45
C SER A 89 -2.38 6.29 5.32
N ILE A 90 -1.15 6.69 5.07
CA ILE A 90 -0.52 7.76 5.82
C ILE A 90 -0.53 9.02 4.97
N HIS A 91 -1.05 10.11 5.52
CA HIS A 91 -0.95 11.44 4.94
C HIS A 91 0.21 12.15 5.60
N ALA A 92 1.16 12.63 4.78
CA ALA A 92 2.28 13.42 5.26
C ALA A 92 2.31 14.77 4.56
N GLY A 93 2.26 15.83 5.36
CA GLY A 93 2.47 17.18 4.89
C GLY A 93 3.90 17.61 5.17
N TYR A 94 4.30 18.69 4.52
CA TYR A 94 5.60 19.32 4.79
C TYR A 94 5.64 20.78 4.42
N GLN A 95 6.40 21.53 5.19
CA GLN A 95 6.68 22.91 4.90
C GLN A 95 7.41 22.99 3.54
N SER A 96 6.86 23.74 2.61
CA SER A 96 7.23 23.68 1.19
C SER A 96 7.29 25.06 0.55
N HIS A 97 8.34 25.28 -0.25
CA HIS A 97 8.45 26.47 -1.11
C HIS A 97 8.93 26.03 -2.48
N PRO A 98 7.98 25.62 -3.36
CA PRO A 98 8.33 25.16 -4.70
C PRO A 98 9.08 26.21 -5.51
N LYS A 99 9.96 25.74 -6.39
CA LYS A 99 10.66 26.58 -7.36
C LYS A 99 11.57 27.63 -6.72
N HIS A 100 11.94 27.40 -5.45
CA HIS A 100 12.86 28.21 -4.70
C HIS A 100 13.79 27.25 -3.94
N ILE A 101 14.95 27.73 -3.52
CA ILE A 101 15.87 26.94 -2.70
C ILE A 101 16.17 27.56 -1.33
N GLN A 102 15.44 28.62 -0.97
CA GLN A 102 15.38 29.11 0.39
C GLN A 102 13.91 29.20 0.80
N TRP A 103 13.72 29.24 2.11
CA TRP A 103 12.40 29.30 2.74
C TRP A 103 11.60 30.55 2.31
N GLY A 104 10.28 30.41 2.29
CA GLY A 104 9.41 31.55 2.03
C GLY A 104 8.04 31.09 1.56
N ASN A 105 7.09 32.01 1.56
CA ASN A 105 5.69 31.73 1.25
C ASN A 105 5.26 30.36 1.74
N ILE A 106 5.61 30.04 2.97
CA ILE A 106 5.70 28.65 3.35
C ILE A 106 4.29 28.03 3.37
N SER A 107 4.20 26.84 2.78
CA SER A 107 2.96 26.16 2.46
C SER A 107 3.06 24.71 2.87
N GLN A 108 1.92 24.02 2.88
CA GLN A 108 1.89 22.57 3.06
C GLN A 108 1.91 21.89 1.69
N GLY A 109 3.01 21.21 1.40
CA GLY A 109 3.07 20.20 0.34
C GLY A 109 2.60 18.89 0.94
N ALA A 110 2.09 17.97 0.14
CA ALA A 110 1.57 16.73 0.70
C ALA A 110 1.67 15.53 -0.21
N ALA A 111 1.68 14.36 0.41
CA ALA A 111 1.69 13.08 -0.28
C ALA A 111 1.11 12.00 0.62
N TYR A 112 0.87 10.83 0.06
CA TYR A 112 0.34 9.72 0.81
C TYR A 112 1.02 8.39 0.48
N SER A 113 0.90 7.45 1.42
CA SER A 113 1.51 6.14 1.30
C SER A 113 0.76 5.11 2.11
N SER A 114 0.70 3.88 1.61
CA SER A 114 0.11 2.78 2.39
C SER A 114 1.12 2.09 3.32
N ASP A 115 2.41 2.39 3.20
CA ASP A 115 3.44 1.63 3.93
C ASP A 115 4.63 2.46 4.44
N PHE A 116 4.44 3.77 4.56
CA PHE A 116 5.49 4.75 4.92
C PHE A 116 6.63 4.87 3.91
N THR A 117 6.61 4.09 2.83
CA THR A 117 7.82 3.80 2.08
C THR A 117 7.72 4.19 0.62
N SER A 118 6.65 3.75 -0.04
CA SER A 118 6.34 4.14 -1.41
C SER A 118 5.24 5.20 -1.37
N TRP A 119 5.51 6.37 -1.97
CA TRP A 119 4.64 7.55 -1.84
C TRP A 119 4.05 8.00 -3.17
N THR A 120 2.95 8.73 -3.07
CA THR A 120 2.31 9.38 -4.22
C THR A 120 2.00 10.84 -3.87
N ASP A 121 2.40 11.75 -4.74
CA ASP A 121 2.10 13.18 -4.54
C ASP A 121 0.62 13.45 -4.77
N PHE A 122 0.04 14.35 -3.98
CA PHE A 122 -1.22 14.97 -4.37
C PHE A 122 -0.96 15.89 -5.57
N ASN A 123 -1.96 16.03 -6.43
CA ASN A 123 -1.90 16.94 -7.57
C ASN A 123 -3.23 17.65 -7.68
N GLY A 124 -3.23 18.95 -7.41
CA GLY A 124 -4.43 19.78 -7.49
C GLY A 124 -4.11 21.06 -8.23
N SER A 125 -4.93 22.08 -7.98
CA SER A 125 -4.77 23.35 -8.67
C SER A 125 -3.44 24.03 -8.35
N GLU A 126 -2.88 23.75 -7.17
CA GLU A 126 -1.56 24.29 -6.79
C GLU A 126 -0.49 23.21 -6.77
N GLY A 127 -0.56 22.28 -7.73
CA GLY A 127 0.43 21.22 -7.85
C GLY A 127 0.36 20.29 -6.67
N TYR A 128 1.47 20.15 -5.96
CA TYR A 128 1.53 19.28 -4.79
C TYR A 128 1.28 20.01 -3.46
N LYS A 129 1.01 21.32 -3.52
CA LYS A 129 0.57 22.06 -2.34
C LYS A 129 -0.90 21.79 -2.07
N THR A 130 -1.26 21.76 -0.79
CA THR A 130 -2.65 21.66 -0.36
C THR A 130 -3.12 22.75 0.61
N ILE A 131 -2.19 23.47 1.24
CA ILE A 131 -2.52 24.68 2.00
C ILE A 131 -1.42 25.70 1.71
N TRP A 132 -1.83 26.96 1.54
CA TRP A 132 -0.91 28.04 1.20
C TRP A 132 -1.39 29.35 1.80
N PRO A 133 -0.47 30.32 1.94
CA PRO A 133 -0.85 31.65 2.40
C PRO A 133 -1.93 32.25 1.50
N SER A 134 -3.02 32.71 2.09
CA SER A 134 -4.14 33.25 1.33
C SER A 134 -5.01 34.30 2.01
N GLN A 135 -4.76 34.55 3.30
CA GLN A 135 -5.59 35.43 4.10
C GLN A 135 -4.69 36.34 4.90
N ILE A 136 -5.21 37.48 5.34
CA ILE A 136 -4.39 38.41 6.13
C ILE A 136 -3.71 37.71 7.33
N TYR A 137 -4.41 36.76 7.92
CA TYR A 137 -3.91 36.08 9.14
C TYR A 137 -2.82 35.04 8.87
N ASP A 138 -2.71 34.52 7.64
CA ASP A 138 -1.67 33.55 7.30
C ASP A 138 -0.81 33.90 6.07
N ILE A 139 -0.92 35.13 5.58
CA ILE A 139 -0.27 35.52 4.32
C ILE A 139 1.26 35.45 4.39
N ARG A 140 1.84 35.54 5.59
CA ARG A 140 3.28 35.49 5.77
C ARG A 140 3.83 34.06 5.83
N GLY A 141 2.94 33.07 5.91
CA GLY A 141 3.35 31.67 5.97
C GLY A 141 2.32 30.81 6.69
N VAL A 142 2.05 29.65 6.10
CA VAL A 142 1.32 28.57 6.73
C VAL A 142 2.37 27.69 7.38
N PHE A 143 2.59 27.93 8.66
CA PHE A 143 3.63 27.24 9.45
C PHE A 143 3.12 25.85 9.87
N ASP A 144 3.89 25.16 10.70
CA ASP A 144 3.59 23.81 11.16
C ASP A 144 2.18 23.74 11.77
N GLY A 145 1.56 22.58 11.63
CA GLY A 145 0.26 22.27 12.25
C GLY A 145 0.09 20.78 12.38
N SER A 146 -0.93 20.37 13.13
CA SER A 146 -1.20 18.98 13.43
C SER A 146 -2.69 18.70 13.31
N ILE A 147 -3.06 17.42 13.35
CA ILE A 147 -4.36 16.96 12.90
C ILE A 147 -5.28 16.56 14.05
N ILE A 148 -6.49 17.10 14.01
CA ILE A 148 -7.65 16.62 14.76
C ILE A 148 -8.39 15.66 13.83
N LYS A 149 -8.33 14.37 14.11
CA LYS A 149 -8.85 13.39 13.17
C LYS A 149 -10.37 13.50 13.01
N GLU A 150 -11.08 13.72 14.11
CA GLU A 150 -12.53 13.96 14.05
C GLU A 150 -12.83 15.39 14.44
N GLY A 151 -12.76 16.28 13.46
CA GLY A 151 -12.80 17.71 13.70
C GLY A 151 -14.07 18.35 13.21
N ILE A 152 -13.92 19.44 12.46
CA ILE A 152 -15.04 20.26 12.01
C ILE A 152 -15.97 19.40 11.15
N ASP A 153 -17.25 19.35 11.53
CA ASP A 153 -18.25 18.53 10.85
C ASP A 153 -17.84 17.05 10.69
N GLY A 154 -17.05 16.55 11.63
CA GLY A 154 -16.53 15.20 11.60
C GLY A 154 -15.32 14.94 10.71
N TYR A 155 -14.81 15.97 10.03
CA TYR A 155 -13.73 15.81 9.06
C TYR A 155 -12.35 15.98 9.69
N PRO A 156 -11.32 15.36 9.09
CA PRO A 156 -9.97 15.67 9.56
C PRO A 156 -9.73 17.17 9.45
N THR A 157 -9.13 17.71 10.50
CA THR A 157 -9.00 19.14 10.70
C THR A 157 -7.57 19.44 11.15
N ILE A 158 -6.96 20.45 10.54
CA ILE A 158 -5.63 20.87 10.91
C ILE A 158 -5.71 22.16 11.73
N LEU A 159 -4.99 22.19 12.84
CA LEU A 159 -4.72 23.39 13.60
C LEU A 159 -3.28 23.74 13.29
N TYR A 160 -3.06 24.93 12.71
CA TYR A 160 -1.73 25.34 12.23
C TYR A 160 -1.41 26.76 12.63
N THR A 161 -0.11 27.09 12.63
CA THR A 161 0.30 28.45 12.89
C THR A 161 0.14 29.30 11.63
N SER A 162 -0.80 30.24 11.71
CA SER A 162 -1.04 31.22 10.67
C SER A 162 -0.23 32.46 11.01
N THR A 163 0.67 32.86 10.11
CA THR A 163 1.52 34.02 10.37
C THR A 163 1.16 35.22 9.51
N SER A 164 1.29 36.40 10.10
CA SER A 164 1.08 37.66 9.41
C SER A 164 2.35 38.50 9.53
N PHE A 165 2.24 39.81 9.31
N PHE A 165 2.25 39.82 9.30
CA PHE A 165 3.38 40.69 9.23
CA PHE A 165 3.42 40.70 9.23
C PHE A 165 4.00 40.98 10.59
C PHE A 165 4.01 40.97 10.60
N GLY A 166 5.24 41.47 10.58
CA GLY A 166 5.91 41.99 11.78
C GLY A 166 7.15 41.17 12.05
N PRO A 167 8.05 41.68 12.91
CA PRO A 167 9.21 40.88 13.30
C PRO A 167 8.77 39.53 13.86
N LEU A 168 9.40 38.46 13.40
CA LEU A 168 9.04 37.11 13.82
C LEU A 168 10.33 36.36 14.10
N GLY A 169 10.54 35.99 15.36
CA GLY A 169 11.70 35.21 15.74
C GLY A 169 12.07 35.38 17.19
N ALA A 170 12.74 34.35 17.72
CA ALA A 170 13.14 34.31 19.11
C ALA A 170 14.19 35.36 19.49
N THR A 171 14.96 35.85 18.51
CA THR A 171 15.95 36.92 18.74
C THR A 171 15.48 38.31 18.29
N LEU A 172 14.21 38.43 17.91
CA LEU A 172 13.62 39.69 17.49
C LEU A 172 12.56 40.11 18.49
N ASN A 173 12.01 41.30 18.28
CA ASN A 173 10.96 41.82 19.13
C ASN A 173 9.59 41.52 18.52
N GLU A 174 9.16 40.27 18.63
CA GLU A 174 7.87 39.85 18.06
C GLU A 174 6.73 40.40 18.89
N ALA A 175 5.61 40.67 18.23
CA ALA A 175 4.41 41.15 18.88
C ALA A 175 3.27 40.20 18.62
N GLU A 176 2.29 40.27 19.52
CA GLU A 176 1.06 39.53 19.44
C GLU A 176 0.37 39.76 18.09
N GLY A 177 -0.15 38.69 17.50
CA GLY A 177 -0.82 38.74 16.20
C GLY A 177 0.03 38.23 15.05
N THR A 178 1.34 38.38 15.14
CA THR A 178 2.23 37.92 14.07
C THR A 178 2.15 36.40 13.89
N GLU A 179 2.05 35.67 15.01
CA GLU A 179 1.80 34.25 14.98
C GLU A 179 0.50 33.95 15.71
N THR A 180 -0.46 33.40 14.97
CA THR A 180 -1.74 32.96 15.53
C THR A 180 -1.96 31.52 15.12
N GLN A 181 -3.04 30.91 15.60
CA GLN A 181 -3.34 29.52 15.29
C GLN A 181 -4.73 29.44 14.67
N SER A 182 -4.82 28.72 13.56
CA SER A 182 -6.01 28.69 12.72
C SER A 182 -6.38 27.28 12.34
N LEU A 183 -7.64 27.10 11.94
CA LEU A 183 -8.19 25.81 11.55
C LEU A 183 -8.55 25.73 10.07
N ALA A 184 -8.33 24.54 9.52
CA ALA A 184 -8.88 24.17 8.21
C ALA A 184 -9.27 22.72 8.26
N TYR A 185 -10.21 22.30 7.40
CA TYR A 185 -10.65 20.91 7.37
C TYR A 185 -10.69 20.40 5.95
N THR A 186 -10.62 19.07 5.80
CA THR A 186 -10.64 18.44 4.49
C THR A 186 -11.85 17.53 4.33
N THR A 187 -12.55 17.70 3.21
CA THR A 187 -13.67 16.83 2.85
C THR A 187 -13.26 15.77 1.81
N ASP A 188 -11.99 15.77 1.40
CA ASP A 188 -11.51 14.88 0.36
C ASP A 188 -10.20 14.18 0.74
N ASP A 189 -10.08 13.85 2.03
CA ASP A 189 -8.94 13.09 2.56
C ASP A 189 -7.57 13.73 2.27
N GLY A 190 -7.50 15.04 2.31
CA GLY A 190 -6.24 15.77 2.20
C GLY A 190 -5.90 16.27 0.80
N ALA A 191 -6.75 16.04 -0.20
CA ALA A 191 -6.53 16.64 -1.52
C ALA A 191 -6.66 18.16 -1.46
N SER A 192 -7.54 18.67 -0.58
CA SER A 192 -7.71 20.10 -0.38
C SER A 192 -8.15 20.37 1.05
N TRP A 193 -7.98 21.61 1.49
CA TRP A 193 -8.41 22.04 2.83
C TRP A 193 -9.19 23.33 2.71
N ILE A 194 -10.25 23.45 3.53
CA ILE A 194 -11.08 24.62 3.61
C ILE A 194 -10.82 25.28 4.95
N LYS A 195 -10.35 26.53 4.91
CA LYS A 195 -10.10 27.29 6.14
C LYS A 195 -11.43 27.82 6.65
N LEU A 196 -11.56 27.90 7.97
CA LEU A 196 -12.65 28.69 8.55
C LEU A 196 -12.51 30.14 8.09
N GLY A 197 -13.60 30.90 8.12
CA GLY A 197 -13.56 32.30 7.75
C GLY A 197 -12.70 33.14 8.67
N TYR A 198 -12.24 34.28 8.17
CA TYR A 198 -11.54 35.24 9.01
C TYR A 198 -12.56 36.03 9.82
N GLY A 199 -12.38 36.07 11.14
CA GLY A 199 -13.17 37.00 11.96
C GLY A 199 -13.46 36.54 13.36
N ALA A 200 -14.29 37.33 14.05
CA ALA A 200 -14.68 37.04 15.43
C ALA A 200 -15.40 35.71 15.51
N GLY A 201 -14.93 34.85 16.41
CA GLY A 201 -15.52 33.52 16.58
C GLY A 201 -15.13 32.53 15.49
N GLN A 202 -14.19 32.91 14.62
CA GLN A 202 -13.73 32.04 13.53
C GLN A 202 -12.18 32.11 13.54
N ASN A 203 -11.53 32.04 12.37
CA ASN A 203 -10.07 32.15 12.33
C ASN A 203 -9.53 33.56 12.55
N PRO A 204 -8.36 33.70 13.18
CA PRO A 204 -7.67 32.62 13.87
C PRO A 204 -8.35 32.30 15.20
N VAL A 205 -8.24 31.06 15.64
CA VAL A 205 -8.92 30.62 16.86
C VAL A 205 -8.11 30.81 18.14
N ILE A 206 -6.77 30.89 18.02
CA ILE A 206 -5.92 31.23 19.16
C ILE A 206 -5.01 32.35 18.73
N TYR A 207 -5.10 33.48 19.43
CA TYR A 207 -4.34 34.68 19.07
C TYR A 207 -3.78 35.45 20.25
N GLU A 208 -4.39 35.36 21.43
CA GLU A 208 -3.87 36.02 22.61
C GLU A 208 -2.65 35.29 23.14
N TRP A 209 -1.59 36.02 23.37
CA TRP A 209 -0.40 35.48 24.01
C TRP A 209 -0.72 35.14 25.47
N PRO A 210 -0.35 33.93 25.91
CA PRO A 210 -0.61 33.56 27.31
C PRO A 210 0.27 34.28 28.33
N GLU A 211 1.44 34.77 27.91
CA GLU A 211 2.34 35.56 28.76
C GLU A 211 2.96 36.63 27.85
N THR A 212 3.51 37.70 28.42
CA THR A 212 4.11 38.77 27.61
C THR A 212 5.51 38.38 27.13
N ASN A 213 6.01 39.14 26.15
CA ASN A 213 7.40 39.04 25.67
C ASN A 213 7.81 37.63 25.25
N LEU A 214 6.93 36.96 24.50
CA LEU A 214 7.22 35.65 23.97
C LEU A 214 8.34 35.71 22.93
N THR A 215 9.18 34.69 22.95
CA THR A 215 10.17 34.46 21.91
C THR A 215 9.54 33.77 20.70
N GLY A 216 8.41 33.09 20.89
CA GLY A 216 7.72 32.39 19.81
C GLY A 216 6.37 31.88 20.28
N PHE A 217 5.51 31.54 19.34
CA PHE A 217 4.13 31.13 19.67
C PHE A 217 3.60 30.36 18.48
N ARG A 218 4.05 29.12 18.34
CA ARG A 218 3.77 28.34 17.13
C ARG A 218 3.81 26.84 17.31
N ASP A 219 3.45 26.16 16.24
CA ASP A 219 3.58 24.71 16.10
C ASP A 219 2.60 23.99 17.03
N PRO A 220 1.30 24.26 16.86
CA PRO A 220 0.31 23.64 17.74
C PRO A 220 0.26 22.13 17.54
N TYR A 221 0.34 21.40 18.65
CA TYR A 221 0.33 19.95 18.60
C TYR A 221 -0.91 19.48 19.33
N VAL A 222 -1.90 18.97 18.57
CA VAL A 222 -3.17 18.54 19.14
C VAL A 222 -3.12 17.05 19.40
N PHE A 223 -3.59 16.63 20.57
CA PHE A 223 -3.54 15.22 20.95
C PHE A 223 -4.64 14.92 21.98
N GLN A 224 -5.09 13.68 21.97
CA GLN A 224 -6.00 13.18 23.00
C GLN A 224 -5.14 12.53 24.07
N SER A 225 -5.62 12.55 25.31
CA SER A 225 -4.84 12.04 26.42
C SER A 225 -5.73 11.62 27.58
N PRO A 226 -6.09 10.33 27.62
CA PRO A 226 -6.77 9.78 28.81
C PRO A 226 -6.00 10.07 30.10
N ARG A 227 -4.65 10.03 30.02
CA ARG A 227 -3.76 10.41 31.12
C ARG A 227 -4.05 11.81 31.66
N LEU A 228 -3.97 12.82 30.78
CA LEU A 228 -4.19 14.20 31.22
C LEU A 228 -5.64 14.45 31.64
N GLU A 229 -6.59 13.82 30.95
CA GLU A 229 -7.99 13.94 31.35
C GLU A 229 -8.23 13.42 32.79
N ALA A 230 -7.65 12.27 33.11
CA ALA A 230 -7.75 11.71 34.46
C ALA A 230 -7.12 12.63 35.51
N LEU A 231 -5.96 13.18 35.19
CA LEU A 231 -5.28 14.11 36.10
C LEU A 231 -6.05 15.40 36.36
N LEU A 232 -6.74 15.92 35.34
CA LEU A 232 -7.44 17.19 35.44
C LEU A 232 -8.90 17.07 35.87
N ALA A 233 -9.43 15.84 35.91
CA ALA A 233 -10.88 15.61 36.11
C ALA A 233 -11.43 16.27 37.38
N ASN A 234 -10.63 16.33 38.44
CA ASN A 234 -11.06 16.97 39.70
C ASN A 234 -10.97 18.50 39.75
N THR A 235 -10.39 19.11 38.70
CA THR A 235 -10.18 20.56 38.64
C THR A 235 -10.98 21.28 37.55
N THR A 236 -11.81 20.56 36.81
CA THR A 236 -12.50 21.18 35.66
C THR A 236 -13.46 22.32 36.04
N SER A 237 -13.92 22.37 37.30
CA SER A 237 -14.68 23.54 37.78
C SER A 237 -13.86 24.81 37.80
N ILE A 238 -12.54 24.72 37.98
CA ILE A 238 -11.70 25.90 38.05
C ILE A 238 -11.57 26.58 36.68
N THR A 239 -11.41 25.77 35.64
CA THR A 239 -11.17 26.27 34.27
C THR A 239 -12.37 26.16 33.32
N ASN A 240 -13.32 25.28 33.63
CA ASN A 240 -14.43 24.92 32.74
C ASN A 240 -14.03 24.24 31.41
N ALA A 241 -12.77 23.84 31.28
CA ALA A 241 -12.29 23.19 30.05
C ALA A 241 -12.44 21.69 30.22
N THR A 242 -13.32 21.09 29.42
CA THR A 242 -13.66 19.67 29.56
C THR A 242 -13.54 18.88 28.26
N GLY A 243 -12.97 19.47 27.21
CA GLY A 243 -12.85 18.77 25.93
C GLY A 243 -11.88 17.61 25.97
N ASP A 244 -11.96 16.76 24.94
CA ASP A 244 -11.11 15.57 24.83
C ASP A 244 -9.84 15.76 23.99
N HIS A 245 -9.60 16.99 23.53
CA HIS A 245 -8.34 17.33 22.84
C HIS A 245 -7.55 18.34 23.64
N PHE A 246 -6.26 18.10 23.75
CA PHE A 246 -5.31 19.06 24.27
C PHE A 246 -4.47 19.62 23.12
N ALA A 247 -3.88 20.79 23.31
CA ALA A 247 -2.93 21.34 22.35
C ALA A 247 -1.80 22.03 23.06
N THR A 248 -0.57 21.73 22.65
CA THR A 248 0.57 22.50 23.09
C THR A 248 0.95 23.51 22.02
N ILE A 249 1.47 24.64 22.47
CA ILE A 249 2.05 25.64 21.59
C ILE A 249 3.46 25.90 22.07
N SER A 250 4.41 25.88 21.12
CA SER A 250 5.83 25.98 21.41
C SER A 250 6.32 27.43 21.42
N GLY A 251 7.12 27.77 22.41
CA GLY A 251 7.63 29.13 22.51
C GLY A 251 8.64 29.29 23.61
N GLY A 252 8.54 30.43 24.29
CA GLY A 252 9.48 30.80 25.34
C GLY A 252 9.24 32.24 25.74
N VAL A 253 10.06 32.75 26.66
CA VAL A 253 9.95 34.12 27.17
C VAL A 253 11.31 34.76 27.08
N HIS A 254 11.36 35.99 26.55
CA HIS A 254 12.62 36.69 26.30
C HIS A 254 13.45 36.74 27.58
N GLY A 255 14.71 36.32 27.46
CA GLY A 255 15.63 36.30 28.59
C GLY A 255 15.43 35.22 29.64
N ASP A 256 14.36 34.43 29.54
CA ASP A 256 13.97 33.52 30.61
C ASP A 256 13.67 32.08 30.16
N GLY A 257 14.16 31.69 28.99
CA GLY A 257 14.11 30.31 28.53
C GLY A 257 12.83 29.92 27.81
N ALA A 258 12.83 28.67 27.36
CA ALA A 258 11.74 28.12 26.55
C ALA A 258 10.52 27.76 27.37
N ARG A 259 9.39 27.65 26.68
CA ARG A 259 8.12 27.28 27.28
C ARG A 259 7.34 26.42 26.31
N LEU A 260 6.66 25.40 26.83
CA LEU A 260 5.63 24.68 26.09
C LEU A 260 4.32 24.97 26.80
N PHE A 261 3.41 25.66 26.12
CA PHE A 261 2.14 26.11 26.69
C PHE A 261 1.06 25.07 26.43
N LEU A 262 0.30 24.71 27.46
CA LEU A 262 -0.77 23.72 27.32
C LEU A 262 -2.14 24.38 27.29
N TYR A 263 -2.91 24.02 26.26
CA TYR A 263 -4.30 24.43 26.09
C TYR A 263 -5.14 23.17 26.13
N ARG A 264 -6.40 23.33 26.53
CA ARG A 264 -7.39 22.27 26.42
C ARG A 264 -8.59 22.80 25.70
N GLN A 265 -9.06 22.00 24.75
CA GLN A 265 -10.33 22.23 24.06
C GLN A 265 -11.41 22.45 25.11
N HIS A 266 -12.13 23.55 25.01
CA HIS A 266 -13.06 23.94 26.07
C HIS A 266 -14.23 22.98 26.17
N THR A 267 -14.79 22.60 25.03
CA THR A 267 -15.95 21.69 24.99
C THR A 267 -15.78 20.65 23.91
N THR A 268 -16.05 19.38 24.25
CA THR A 268 -16.00 18.27 23.32
C THR A 268 -16.90 18.54 22.11
N GLY A 269 -16.40 18.20 20.92
CA GLY A 269 -17.14 18.43 19.69
C GLY A 269 -17.19 19.88 19.19
N GLU A 270 -16.52 20.80 19.86
CA GLU A 270 -16.47 22.21 19.47
C GLU A 270 -15.01 22.62 19.36
N PHE A 271 -14.64 23.30 18.27
CA PHE A 271 -13.21 23.49 17.93
C PHE A 271 -12.73 24.93 17.88
N ILE A 272 -13.59 25.88 18.22
CA ILE A 272 -13.24 27.30 18.21
C ILE A 272 -12.54 27.68 19.50
N LYS A 273 -13.08 27.25 20.64
CA LYS A 273 -12.59 27.72 21.93
C LYS A 273 -11.57 26.76 22.56
N TRP A 274 -10.35 27.28 22.79
CA TRP A 274 -9.27 26.55 23.43
C TRP A 274 -8.86 27.34 24.65
N THR A 275 -8.80 26.68 25.80
CA THR A 275 -8.54 27.36 27.06
C THR A 275 -7.11 27.12 27.48
N TYR A 276 -6.37 28.20 27.72
CA TYR A 276 -5.00 28.12 28.20
C TYR A 276 -5.02 27.64 29.65
N LEU A 277 -4.33 26.55 29.93
CA LEU A 277 -4.24 26.02 31.30
C LEU A 277 -3.02 26.57 32.01
N GLY A 278 -1.86 26.43 31.37
CA GLY A 278 -0.63 26.92 31.93
C GLY A 278 0.57 26.35 31.19
N PRO A 279 1.78 26.74 31.61
CA PRO A 279 2.98 26.16 31.02
C PRO A 279 3.13 24.69 31.40
N LEU A 280 3.38 23.83 30.41
CA LEU A 280 3.59 22.41 30.61
C LEU A 280 5.05 22.15 30.90
N VAL A 281 5.92 22.68 30.05
CA VAL A 281 7.36 22.56 30.22
C VAL A 281 7.98 23.96 30.30
N THR A 282 8.79 24.16 31.34
CA THR A 282 9.49 25.41 31.57
C THR A 282 10.96 25.06 31.79
N THR A 283 11.83 25.61 30.95
CA THR A 283 13.27 25.43 31.09
C THR A 283 13.94 26.78 31.14
N GLY A 284 15.20 26.78 31.58
CA GLY A 284 15.98 28.00 31.74
C GLY A 284 16.68 28.45 30.48
N TYR A 285 17.05 29.72 30.47
CA TYR A 285 17.79 30.31 29.36
C TYR A 285 19.12 29.61 29.12
N LYS A 286 19.22 28.90 28.00
CA LYS A 286 20.34 28.04 27.65
C LYS A 286 20.74 27.03 28.74
N GLU A 287 19.76 26.55 29.49
CA GLU A 287 19.95 25.48 30.47
C GLU A 287 20.32 24.18 29.73
N SER A 288 21.27 23.42 30.30
CA SER A 288 21.59 22.09 29.81
C SER A 288 21.46 21.07 30.94
N TYR A 289 20.81 19.94 30.67
CA TYR A 289 20.76 18.80 31.60
C TYR A 289 22.08 17.97 31.53
N GLY A 290 22.93 18.25 30.54
CA GLY A 290 24.27 17.70 30.50
C GLY A 290 24.69 17.17 29.14
N GLU A 291 25.79 16.42 29.14
CA GLU A 291 26.46 15.93 27.93
C GLU A 291 25.58 14.99 27.06
N TRP A 292 24.62 14.33 27.69
CA TRP A 292 23.74 13.38 27.01
C TRP A 292 22.43 14.02 26.55
N SER A 293 22.26 15.32 26.75
CA SER A 293 20.94 15.94 26.70
C SER A 293 20.85 17.23 25.88
N GLY A 294 21.89 17.53 25.09
CA GLY A 294 21.94 18.80 24.35
C GLY A 294 21.79 20.02 25.24
N ASN A 295 21.02 21.00 24.78
CA ASN A 295 20.83 22.26 25.48
C ASN A 295 19.41 22.76 25.19
N TYR A 296 18.74 23.29 26.22
CA TYR A 296 17.36 23.72 26.07
C TYR A 296 17.17 25.08 25.37
N GLY A 297 18.27 25.75 25.02
CA GLY A 297 18.22 26.95 24.19
C GLY A 297 17.38 28.06 24.80
N ILE A 298 16.74 28.84 23.93
CA ILE A 298 15.93 29.99 24.35
C ILE A 298 14.45 29.90 23.97
N ASN A 299 14.09 28.92 23.17
CA ASN A 299 12.77 28.87 22.55
C ASN A 299 12.55 27.47 22.02
N PHE A 300 11.36 26.92 22.21
CA PHE A 300 11.01 25.61 21.68
C PHE A 300 10.34 25.74 20.33
N GLU A 301 10.54 24.73 19.50
CA GLU A 301 9.84 24.60 18.22
C GLU A 301 9.38 23.16 18.03
N THR A 302 8.29 23.00 17.28
CA THR A 302 7.71 21.71 16.91
C THR A 302 7.61 20.69 18.05
N ALA A 303 7.21 21.16 19.24
CA ALA A 303 7.09 20.27 20.38
C ALA A 303 5.83 19.41 20.29
N GLY A 304 5.92 18.17 20.77
CA GLY A 304 4.78 17.27 20.87
C GLY A 304 4.80 16.49 22.18
N VAL A 305 3.67 15.88 22.49
CA VAL A 305 3.46 15.14 23.74
C VAL A 305 2.94 13.76 23.39
N THR A 306 3.53 12.72 23.97
CA THR A 306 3.06 11.36 23.77
C THR A 306 3.19 10.56 25.06
N ARG A 307 2.71 9.33 25.01
CA ARG A 307 2.79 8.40 26.12
C ARG A 307 3.07 7.04 25.52
N LEU A 308 4.11 6.38 26.01
CA LEU A 308 4.62 5.16 25.39
C LEU A 308 4.79 4.09 26.45
N ASN A 309 4.78 2.83 26.00
CA ASN A 309 5.15 1.70 26.84
C ASN A 309 6.10 0.83 26.03
N PRO A 310 6.57 -0.31 26.58
CA PRO A 310 7.56 -1.05 25.79
C PRO A 310 7.15 -1.49 24.39
N ALA A 311 5.85 -1.69 24.15
CA ALA A 311 5.34 -2.11 22.84
C ALA A 311 5.14 -0.98 21.83
N GLY A 312 5.02 0.27 22.30
CA GLY A 312 4.67 1.39 21.40
C GLY A 312 3.90 2.48 22.13
N ALA A 313 2.79 2.91 21.55
CA ALA A 313 1.94 3.95 22.12
C ALA A 313 1.10 3.37 23.26
N ALA A 314 0.93 4.14 24.32
CA ALA A 314 0.10 3.76 25.46
C ALA A 314 -1.04 4.77 25.58
N TRP A 315 -2.26 4.27 25.65
CA TRP A 315 -3.45 5.12 25.77
C TRP A 315 -4.19 4.94 27.11
N ASP A 316 -3.49 4.41 28.12
CA ASP A 316 -4.05 4.25 29.45
C ASP A 316 -4.14 5.59 30.18
N ASN A 317 -4.92 5.61 31.27
CA ASN A 317 -5.10 6.82 32.09
C ASN A 317 -4.05 7.04 33.18
N GLY A 318 -2.98 6.24 33.18
CA GLY A 318 -2.01 6.21 34.28
C GLY A 318 -1.89 4.83 34.91
N SER A 319 -2.88 3.97 34.67
CA SER A 319 -2.93 2.62 35.26
C SER A 319 -1.84 1.66 34.77
N ASP A 320 -1.29 1.89 33.58
CA ASP A 320 -0.18 1.09 33.08
C ASP A 320 1.12 1.57 33.71
N THR A 321 1.64 0.78 34.64
CA THR A 321 2.90 1.11 35.32
C THR A 321 4.13 1.02 34.43
N THR A 322 4.02 0.39 33.26
CA THR A 322 5.12 0.33 32.30
C THR A 322 5.15 1.52 31.33
N ALA A 323 4.13 2.38 31.38
CA ALA A 323 4.03 3.52 30.45
C ALA A 323 4.78 4.74 30.99
N VAL A 324 5.30 5.54 30.08
CA VAL A 324 6.07 6.73 30.41
C VAL A 324 5.56 7.88 29.53
N ASP A 325 5.42 9.06 30.12
CA ASP A 325 5.03 10.28 29.40
C ASP A 325 6.28 10.94 28.84
N PHE A 326 6.22 11.34 27.56
CA PHE A 326 7.35 11.95 26.89
C PHE A 326 6.91 13.24 26.21
N VAL A 327 7.82 14.19 26.18
CA VAL A 327 7.69 15.37 25.33
C VAL A 327 8.85 15.33 24.37
N THR A 328 8.59 15.57 23.08
CA THR A 328 9.66 15.76 22.11
C THR A 328 9.61 17.21 21.67
N PHE A 329 10.76 17.82 21.43
CA PHE A 329 10.83 19.25 21.18
C PHE A 329 12.16 19.66 20.57
N GLY A 330 12.10 20.63 19.67
CA GLY A 330 13.28 21.31 19.16
C GLY A 330 13.60 22.50 20.04
N THR A 331 14.88 22.81 20.18
CA THR A 331 15.30 24.05 20.83
C THR A 331 16.20 24.82 19.90
N GLU A 332 16.18 26.14 20.02
CA GLU A 332 17.04 26.98 19.22
C GLU A 332 17.92 27.89 20.09
N GLN A 333 19.05 28.26 19.49
CA GLN A 333 20.06 29.15 20.07
C GLN A 333 20.76 28.60 21.31
N GLY A 334 20.79 27.27 21.44
CA GLY A 334 21.57 26.60 22.48
C GLY A 334 22.64 25.71 21.89
N ARG A 335 23.07 26.00 20.66
CA ARG A 335 24.03 25.16 19.96
C ARG A 335 24.88 26.00 19.02
N ALA A 336 26.19 25.76 18.99
CA ALA A 336 27.13 26.57 18.21
C ALA A 336 27.11 26.25 16.71
N ASP A 337 26.49 25.12 16.33
CA ASP A 337 26.46 24.67 14.96
C ASP A 337 25.13 23.93 14.75
N HIS A 338 24.99 23.16 13.67
CA HIS A 338 23.73 22.48 13.34
C HIS A 338 22.56 23.47 13.33
N GLN A 339 22.82 24.63 12.71
CA GLN A 339 21.83 25.69 12.56
C GLN A 339 21.23 26.12 13.90
N ASN A 340 22.05 26.06 14.94
CA ASN A 340 21.67 26.39 16.32
C ASN A 340 20.51 25.57 16.87
N HIS A 341 20.33 24.34 16.38
CA HIS A 341 19.12 23.55 16.64
C HIS A 341 19.39 22.19 17.27
N TRP A 342 18.71 21.89 18.38
CA TRP A 342 18.74 20.57 19.02
C TRP A 342 17.36 19.93 18.93
N PRO A 343 17.24 18.73 18.32
CA PRO A 343 16.00 17.95 18.46
C PRO A 343 16.07 17.02 19.66
N LEU A 344 15.30 17.35 20.70
CA LEU A 344 15.41 16.71 22.00
C LEU A 344 14.16 15.95 22.37
N TRP A 345 14.25 15.22 23.47
CA TRP A 345 13.09 14.61 24.11
C TRP A 345 13.33 14.52 25.61
N ALA A 346 12.25 14.42 26.36
CA ALA A 346 12.33 14.28 27.81
C ALA A 346 11.23 13.37 28.30
N ALA A 347 11.58 12.49 29.24
CA ALA A 347 10.61 11.77 30.02
C ALA A 347 10.15 12.72 31.12
N VAL A 348 8.84 12.76 31.38
CA VAL A 348 8.27 13.73 32.31
C VAL A 348 7.32 13.07 33.28
N ASP A 349 7.23 13.63 34.49
CA ASP A 349 6.24 13.24 35.47
C ASP A 349 5.28 14.41 35.68
N TYR A 350 4.01 14.19 35.40
CA TYR A 350 3.01 15.24 35.46
C TYR A 350 2.57 15.50 36.91
N GLU A 351 2.49 16.78 37.27
CA GLU A 351 1.92 17.23 38.54
C GLU A 351 0.76 18.16 38.22
N VAL A 352 -0.33 18.06 38.99
CA VAL A 352 -1.49 18.92 38.82
C VAL A 352 -1.34 20.16 39.69
N ARG A 353 -1.42 21.35 39.09
CA ARG A 353 -1.35 22.61 39.82
C ARG A 353 -2.71 22.94 40.41
N ASP A 354 -2.71 23.82 41.42
CA ASP A 354 -3.96 24.24 42.07
C ASP A 354 -4.92 24.97 41.12
N ASN A 355 -4.39 25.67 40.11
CA ASN A 355 -5.25 26.35 39.12
C ASN A 355 -5.77 25.47 37.96
N GLY A 356 -5.65 24.15 38.09
CA GLY A 356 -6.19 23.22 37.09
C GLY A 356 -5.34 23.12 35.83
N SER A 357 -4.03 23.21 36.01
CA SER A 357 -3.07 23.05 34.92
C SER A 357 -2.09 21.93 35.27
N ILE A 358 -1.17 21.63 34.37
CA ILE A 358 -0.24 20.51 34.52
C ILE A 358 1.20 21.00 34.40
N GLU A 359 2.03 20.64 35.37
CA GLU A 359 3.46 20.82 35.25
C GLU A 359 4.08 19.49 34.85
N ALA A 360 4.77 19.47 33.71
CA ALA A 360 5.55 18.31 33.29
C ALA A 360 6.96 18.46 33.84
N VAL A 361 7.26 17.72 34.90
CA VAL A 361 8.56 17.79 35.53
C VAL A 361 9.50 16.82 34.82
N ILE A 362 10.61 17.32 34.30
CA ILE A 362 11.54 16.48 33.54
C ILE A 362 12.25 15.47 34.47
N ALA A 363 12.12 14.19 34.14
CA ALA A 363 12.71 13.09 34.92
C ALA A 363 14.06 12.68 34.36
N TYR A 364 14.14 12.62 33.03
CA TYR A 364 15.41 12.49 32.31
C TYR A 364 15.22 13.02 30.90
N SER A 365 16.32 13.30 30.21
CA SER A 365 16.29 14.14 29.03
C SER A 365 17.35 13.72 28.05
N GLY A 366 16.95 13.52 26.79
CA GLY A 366 17.85 13.04 25.76
C GLY A 366 17.76 13.78 24.44
N VAL A 367 18.34 13.15 23.42
CA VAL A 367 18.46 13.70 22.08
C VAL A 367 17.80 12.75 21.09
N GLN A 368 16.93 13.27 20.25
CA GLN A 368 16.20 12.43 19.29
C GLN A 368 17.07 12.07 18.07
N ASP A 369 17.94 13.00 17.69
CA ASP A 369 18.89 12.77 16.60
C ASP A 369 20.06 13.73 16.81
N TRP A 370 21.28 13.22 16.69
CA TRP A 370 22.49 14.01 17.01
C TRP A 370 23.08 14.75 15.81
N GLY A 371 22.49 14.60 14.63
CA GLY A 371 23.05 15.19 13.43
C GLY A 371 22.23 16.32 12.82
N ARG A 372 22.29 16.42 11.50
CA ARG A 372 21.66 17.51 10.75
C ARG A 372 20.18 17.24 10.49
N SER A 373 19.43 17.08 11.58
CA SER A 373 17.98 16.93 11.52
C SER A 373 17.32 17.70 12.63
N TYR A 374 16.04 17.99 12.44
CA TYR A 374 15.27 18.87 13.32
C TYR A 374 13.81 18.73 12.97
N ALA A 375 12.93 19.32 13.78
CA ALA A 375 11.51 19.43 13.46
C ALA A 375 10.84 18.06 13.43
N TYR A 376 11.15 17.24 14.42
CA TYR A 376 10.49 15.95 14.57
C TYR A 376 9.02 16.13 14.95
N ALA A 377 8.15 15.41 14.26
CA ALA A 377 6.73 15.31 14.56
C ALA A 377 6.40 13.84 14.83
N SER A 378 5.53 13.57 15.80
CA SER A 378 5.05 12.21 16.01
C SER A 378 3.53 12.17 15.90
N PHE A 379 3.02 11.02 15.49
CA PHE A 379 1.60 10.85 15.28
C PHE A 379 1.18 9.41 15.54
N PRO A 380 -0.09 9.20 15.95
CA PRO A 380 -0.56 7.86 16.26
C PRO A 380 -0.84 7.03 15.02
N VAL A 381 -0.52 5.75 15.08
CA VAL A 381 -0.76 4.80 14.00
C VAL A 381 -1.39 3.56 14.61
N GLU A 382 -2.34 2.97 13.87
CA GLU A 382 -3.13 1.85 14.38
C GLU A 382 -2.24 0.70 14.81
N GLY A 383 -2.71 -0.07 15.80
CA GLY A 383 -1.89 -1.10 16.43
C GLY A 383 -1.02 -0.57 17.54
N TYR A 384 -1.47 0.51 18.19
CA TYR A 384 -0.80 1.07 19.35
C TYR A 384 0.63 1.49 19.04
N ARG A 385 0.78 2.29 17.98
CA ARG A 385 2.06 2.83 17.59
C ARG A 385 2.04 4.35 17.65
N GLN A 386 3.21 4.92 17.93
CA GLN A 386 3.47 6.35 17.76
C GLN A 386 4.68 6.43 16.85
N VAL A 387 4.52 7.11 15.72
CA VAL A 387 5.55 7.13 14.68
C VAL A 387 6.07 8.55 14.57
N SER A 388 7.40 8.68 14.48
CA SER A 388 8.08 9.98 14.48
C SER A 388 8.88 10.12 13.20
N VAL A 389 8.91 11.34 12.66
CA VAL A 389 9.68 11.64 11.47
C VAL A 389 10.15 13.09 11.55
N GLY A 390 11.36 13.35 11.05
CA GLY A 390 11.94 14.68 11.08
C GLY A 390 12.41 15.12 9.71
N TRP A 391 13.09 16.26 9.71
CA TRP A 391 13.60 16.89 8.50
C TRP A 391 15.12 16.88 8.58
N ILE A 392 15.74 16.37 7.52
CA ILE A 392 17.19 16.42 7.35
C ILE A 392 17.50 17.56 6.39
N TYR A 393 18.18 18.58 6.89
CA TYR A 393 18.60 19.70 6.07
C TYR A 393 19.89 19.31 5.33
N GLU A 394 20.27 20.13 4.34
CA GLU A 394 21.50 19.89 3.58
C GLU A 394 22.68 20.34 4.43
N ASP A 395 23.89 20.16 3.92
CA ASP A 395 25.09 20.73 4.56
C ASP A 395 25.76 21.69 3.56
N ASP A 396 25.00 22.72 3.22
CA ASP A 396 25.42 23.77 2.30
C ASP A 396 24.89 25.08 2.87
N ASP A 397 25.27 25.38 4.11
CA ASP A 397 24.70 26.52 4.84
C ASP A 397 25.01 27.88 4.25
N ASN A 398 26.07 28.01 3.45
CA ASN A 398 26.35 29.25 2.70
C ASN A 398 25.64 29.33 1.36
N VAL A 399 24.82 28.33 1.03
CA VAL A 399 23.94 28.35 -0.13
C VAL A 399 24.74 28.48 -1.45
N ILE A 400 25.81 27.68 -1.54
CA ILE A 400 26.76 27.77 -2.63
C ILE A 400 26.30 26.97 -3.85
N LEU A 401 25.71 25.79 -3.63
CA LEU A 401 25.27 24.93 -4.73
C LEU A 401 23.76 24.60 -4.68
N ALA A 402 23.01 25.32 -3.85
CA ALA A 402 21.57 25.06 -3.71
C ALA A 402 20.80 25.25 -5.01
N LYS A 403 21.08 26.33 -5.74
CA LYS A 403 20.45 26.54 -7.05
C LYS A 403 20.78 25.44 -8.05
N GLN A 404 22.03 24.99 -8.01
CA GLN A 404 22.46 23.90 -8.87
C GLN A 404 21.75 22.58 -8.52
N PHE A 405 21.53 22.33 -7.23
CA PHE A 405 20.68 21.21 -6.79
C PHE A 405 19.27 21.35 -7.38
N GLY A 406 18.68 22.53 -7.21
CA GLY A 406 17.28 22.76 -7.55
C GLY A 406 16.29 22.26 -6.49
N TYR A 407 16.81 21.91 -5.32
CA TYR A 407 15.99 21.48 -4.17
C TYR A 407 16.84 21.59 -2.90
N GLN A 408 16.17 21.58 -1.75
CA GLN A 408 16.81 21.47 -0.44
C GLN A 408 15.93 20.66 0.47
N GLY A 409 16.53 19.67 1.15
CA GLY A 409 15.90 18.99 2.26
C GLY A 409 15.31 17.65 1.92
N ALA A 410 15.16 16.82 2.94
CA ALA A 410 14.42 15.55 2.87
C ALA A 410 13.89 15.23 4.27
N PHE A 411 13.04 14.21 4.36
CA PHE A 411 12.71 13.66 5.67
C PHE A 411 13.78 12.68 6.13
N THR A 412 13.75 12.40 7.42
CA THR A 412 14.35 11.20 7.98
C THR A 412 13.51 10.00 7.56
N LEU A 413 13.92 8.81 7.97
CA LEU A 413 13.02 7.66 7.91
C LEU A 413 11.97 7.80 9.01
N PHE A 414 10.85 7.09 8.85
CA PHE A 414 9.79 7.06 9.83
C PHE A 414 10.18 6.06 10.92
N ARG A 415 10.00 6.46 12.17
CA ARG A 415 10.52 5.73 13.31
C ARG A 415 9.40 5.39 14.27
N ASP A 416 9.27 4.12 14.65
CA ASP A 416 8.42 3.74 15.77
C ASP A 416 9.09 4.19 17.07
N LEU A 417 8.34 4.89 17.90
CA LEU A 417 8.74 5.20 19.26
C LEU A 417 8.18 4.15 20.23
N PHE A 418 8.96 3.86 21.27
CA PHE A 418 8.58 2.90 22.29
C PHE A 418 9.46 3.15 23.52
N VAL A 419 9.11 2.55 24.64
CA VAL A 419 9.96 2.58 25.82
C VAL A 419 10.97 1.45 25.69
N LYS A 420 12.25 1.80 25.57
CA LYS A 420 13.31 0.79 25.51
C LYS A 420 13.64 0.38 26.95
N VAL A 421 13.52 -0.92 27.22
CA VAL A 421 13.83 -1.48 28.53
C VAL A 421 14.98 -2.46 28.37
N VAL A 422 16.06 -2.27 29.13
CA VAL A 422 17.19 -3.20 29.13
C VAL A 422 17.24 -3.83 30.51
N GLU A 423 17.12 -5.16 30.54
CA GLU A 423 17.11 -5.89 31.81
C GLU A 423 18.49 -6.44 32.13
N ASN A 424 18.69 -6.75 33.40
CA ASN A 424 19.91 -7.39 33.88
C ASN A 424 21.17 -6.62 33.54
N VAL A 425 21.10 -5.30 33.70
CA VAL A 425 22.24 -4.44 33.45
C VAL A 425 23.17 -4.52 34.65
N SER A 426 24.47 -4.61 34.37
CA SER A 426 25.52 -4.65 35.38
C SER A 426 25.67 -3.28 36.06
N PRO A 427 25.62 -3.26 37.41
CA PRO A 427 25.91 -2.02 38.13
C PRO A 427 27.28 -1.40 37.88
N SER A 428 28.24 -2.14 37.33
CA SER A 428 29.55 -1.60 36.99
C SER A 428 29.63 -0.97 35.59
N THR A 429 28.52 -0.91 34.87
CA THR A 429 28.46 -0.12 33.63
C THR A 429 28.90 1.31 33.95
N PRO A 430 29.97 1.80 33.29
CA PRO A 430 30.46 3.15 33.61
C PRO A 430 29.38 4.23 33.45
N GLY A 431 29.30 5.13 34.43
CA GLY A 431 28.35 6.26 34.39
C GLY A 431 26.87 5.92 34.48
N LEU A 432 26.53 4.70 34.88
CA LEU A 432 25.15 4.23 34.82
C LEU A 432 24.18 5.02 35.71
N PHE A 433 24.64 5.45 36.88
CA PHE A 433 23.77 6.12 37.86
C PHE A 433 23.77 7.64 37.77
N GLU A 434 24.39 8.15 36.72
CA GLU A 434 24.17 9.53 36.32
C GLU A 434 22.67 9.64 35.89
N GLN A 435 22.08 8.56 35.37
CA GLN A 435 20.67 8.54 34.93
C GLN A 435 20.37 9.78 34.02
N ALA A 436 21.29 10.06 33.10
CA ALA A 436 21.19 11.28 32.24
C ALA A 436 19.98 11.28 31.28
N SER A 437 20.00 10.42 30.26
CA SER A 437 18.85 10.25 29.35
C SER A 437 18.24 8.85 29.51
N TRP A 438 18.30 8.31 30.73
CA TRP A 438 17.68 7.03 31.07
C TRP A 438 17.37 7.02 32.56
N SER A 439 16.56 6.06 32.98
CA SER A 439 16.29 5.82 34.38
C SER A 439 16.84 4.47 34.76
N THR A 440 17.15 4.29 36.05
CA THR A 440 17.59 3.00 36.58
C THR A 440 16.69 2.60 37.73
N LYS A 441 16.35 1.32 37.78
CA LYS A 441 15.64 0.72 38.91
C LYS A 441 16.47 -0.48 39.34
N ASN A 442 16.95 -0.45 40.58
CA ASN A 442 17.71 -1.56 41.14
C ASN A 442 16.84 -2.76 41.41
N SER A 443 17.41 -3.95 41.22
CA SER A 443 16.79 -5.18 41.70
C SER A 443 16.72 -5.14 43.22
N THR A 444 15.83 -5.93 43.80
CA THR A 444 15.72 -6.03 45.27
C THR A 444 17.08 -6.29 45.94
N ASP A 445 17.90 -7.16 45.35
CA ASP A 445 19.21 -7.50 45.92
C ASP A 445 20.38 -6.57 45.54
N GLY A 446 20.12 -5.57 44.69
CA GLY A 446 21.15 -4.60 44.30
C GLY A 446 22.22 -5.06 43.31
N MET A 447 22.08 -6.28 42.79
CA MET A 447 23.09 -6.89 41.92
C MET A 447 22.84 -6.67 40.41
N SER A 448 21.62 -6.24 40.06
CA SER A 448 21.31 -5.87 38.68
C SER A 448 20.41 -4.64 38.63
N VAL A 449 20.33 -4.06 37.44
CA VAL A 449 19.57 -2.83 37.21
C VAL A 449 18.70 -3.02 35.97
N THR A 450 17.51 -2.42 35.99
CA THR A 450 16.67 -2.29 34.82
C THR A 450 16.84 -0.86 34.30
N VAL A 451 17.23 -0.71 33.04
CA VAL A 451 17.39 0.60 32.41
C VAL A 451 16.18 0.89 31.54
N THR A 452 15.65 2.11 31.64
CA THR A 452 14.53 2.56 30.81
C THR A 452 14.95 3.83 30.08
N THR A 453 14.67 3.89 28.78
CA THR A 453 14.91 5.10 27.99
C THR A 453 13.95 5.15 26.79
N LEU A 454 14.07 6.20 25.98
CA LEU A 454 13.28 6.27 24.74
C LEU A 454 13.91 5.37 23.68
N GLY A 455 13.10 4.50 23.10
CA GLY A 455 13.51 3.68 21.98
C GLY A 455 13.04 4.28 20.67
N GLN A 456 13.87 4.13 19.63
CA GLN A 456 13.50 4.52 18.27
C GLN A 456 13.99 3.44 17.32
N ARG A 457 13.13 2.99 16.41
CA ARG A 457 13.54 2.06 15.37
C ARG A 457 12.81 2.39 14.08
N VAL A 458 13.43 2.09 12.95
CA VAL A 458 12.81 2.35 11.66
C VAL A 458 11.55 1.49 11.58
N VAL A 459 10.46 2.06 11.09
CA VAL A 459 9.22 1.31 10.96
C VAL A 459 9.44 0.03 10.16
N PRO A 460 8.85 -1.09 10.62
CA PRO A 460 9.14 -2.38 9.97
C PRO A 460 8.73 -2.47 8.49
N GLU A 461 7.71 -1.70 8.10
CA GLU A 461 7.26 -1.68 6.71
C GLU A 461 8.41 -1.24 5.79
N THR A 462 9.19 -0.26 6.23
CA THR A 462 10.29 0.28 5.44
C THR A 462 11.45 -0.73 5.36
N LEU A 463 11.81 -1.32 6.50
CA LEU A 463 12.88 -2.33 6.53
C LEU A 463 12.53 -3.52 5.64
N ALA A 464 11.28 -4.00 5.70
CA ALA A 464 10.85 -5.12 4.86
C ALA A 464 10.88 -4.77 3.37
N ALA A 465 10.38 -3.59 3.02
CA ALA A 465 10.36 -3.16 1.63
C ALA A 465 11.79 -2.95 1.10
N TYR A 466 12.61 -2.29 1.90
CA TYR A 466 14.03 -2.09 1.56
C TYR A 466 14.73 -3.43 1.29
N LYS A 467 14.62 -4.35 2.24
CA LYS A 467 15.29 -5.64 2.11
C LYS A 467 14.80 -6.42 0.90
N GLY A 468 13.48 -6.48 0.74
CA GLY A 468 12.87 -7.24 -0.36
C GLY A 468 13.16 -6.74 -1.76
N ASN A 469 13.39 -5.44 -1.89
CA ASN A 469 13.71 -4.83 -3.18
C ASN A 469 15.22 -4.72 -3.44
N SER A 470 16.04 -5.03 -2.43
CA SER A 470 17.48 -4.92 -2.55
C SER A 470 18.13 -6.24 -2.96
N THR A 471 19.36 -6.15 -3.47
CA THR A 471 20.25 -7.30 -3.53
C THR A 471 20.89 -7.42 -2.15
N VAL A 472 20.54 -8.49 -1.44
CA VAL A 472 20.97 -8.70 -0.06
C VAL A 472 22.22 -9.59 -0.05
N SER A 473 23.28 -9.11 0.60
CA SER A 473 24.49 -9.91 0.83
C SER A 473 24.66 -10.12 2.31
N THR A 474 24.53 -11.36 2.76
CA THR A 474 24.79 -11.73 4.15
C THR A 474 26.29 -12.05 4.23
N LEU A 475 27.01 -11.30 5.05
CA LEU A 475 28.47 -11.33 5.05
C LEU A 475 28.98 -12.16 6.21
N ALA A 476 30.12 -12.83 6.00
CA ALA A 476 30.75 -13.64 7.03
C ALA A 476 31.23 -12.75 8.19
N PRO A 477 31.20 -13.28 9.43
CA PRO A 477 31.72 -12.46 10.54
C PRO A 477 33.20 -12.16 10.38
N VAL A 478 33.66 -11.04 10.94
CA VAL A 478 35.05 -10.58 10.80
C VAL A 478 35.59 -10.26 12.19
N MET A 479 36.68 -10.93 12.56
CA MET A 479 37.44 -10.59 13.76
C MET A 479 38.45 -9.50 13.41
N LEU A 480 38.34 -8.36 14.08
CA LEU A 480 39.29 -7.25 13.90
C LEU A 480 40.35 -7.34 14.99
N ASN A 481 41.58 -7.68 14.58
CA ASN A 481 42.69 -7.89 15.51
C ASN A 481 43.95 -7.20 14.96
N GLU A 482 45.14 -7.70 15.31
CA GLU A 482 46.41 -7.12 14.82
C GLU A 482 46.54 -7.10 13.30
N SER A 483 45.90 -8.05 12.62
CA SER A 483 45.94 -8.13 11.16
C SER A 483 44.97 -7.18 10.43
N ALA A 484 44.09 -6.51 11.15
CA ALA A 484 43.06 -5.66 10.53
C ALA A 484 43.67 -4.44 9.89
N ALA A 485 43.37 -4.20 8.61
CA ALA A 485 43.70 -2.94 7.96
C ALA A 485 42.84 -1.83 8.57
N ALA A 486 43.21 -0.58 8.31
CA ALA A 486 42.43 0.57 8.76
C ALA A 486 41.01 0.47 8.18
N TYR A 487 40.95 0.15 6.89
CA TYR A 487 39.70 -0.03 6.14
C TYR A 487 39.70 -1.38 5.42
N THR A 488 38.64 -2.15 5.62
CA THR A 488 38.47 -3.44 4.98
C THR A 488 37.13 -3.45 4.22
N PRO A 489 37.16 -3.34 2.88
CA PRO A 489 35.93 -3.38 2.10
C PRO A 489 35.12 -4.64 2.36
N PHE A 490 33.79 -4.53 2.33
CA PHE A 490 32.94 -5.71 2.42
C PHE A 490 33.19 -6.62 1.21
N SER A 491 33.00 -7.92 1.39
CA SER A 491 33.17 -8.92 0.31
C SER A 491 32.19 -8.72 -0.86
N SER A 492 31.04 -8.10 -0.58
CA SER A 492 30.16 -7.60 -1.63
C SER A 492 30.06 -6.09 -1.49
N GLN A 493 29.95 -5.40 -2.61
CA GLN A 493 29.95 -3.95 -2.65
C GLN A 493 28.62 -3.38 -3.16
N PRO A 494 28.27 -2.17 -2.71
CA PRO A 494 27.16 -1.44 -3.33
C PRO A 494 27.39 -1.19 -4.79
N THR A 495 26.31 -0.91 -5.53
CA THR A 495 26.39 -0.53 -6.94
C THR A 495 26.02 0.93 -7.19
N ASP A 496 25.62 1.66 -6.14
CA ASP A 496 25.18 3.06 -6.27
C ASP A 496 25.09 3.62 -4.86
N ARG A 497 24.51 4.82 -4.70
CA ARG A 497 24.47 5.51 -3.42
C ARG A 497 23.18 5.24 -2.62
N PHE A 498 22.61 4.05 -2.78
CA PHE A 498 21.34 3.69 -2.15
C PHE A 498 21.50 2.32 -1.56
N TYR A 499 21.83 2.28 -0.28
CA TYR A 499 22.04 1.02 0.41
C TYR A 499 21.94 1.12 1.91
N ALA A 500 21.84 -0.04 2.54
CA ALA A 500 21.80 -0.15 3.98
C ALA A 500 22.78 -1.21 4.44
N LEU A 501 23.32 -1.02 5.63
CA LEU A 501 24.21 -2.00 6.21
C LEU A 501 23.95 -2.12 7.68
N THR A 502 24.21 -3.31 8.22
CA THR A 502 24.13 -3.50 9.65
C THR A 502 25.26 -4.39 10.12
N GLY A 503 25.58 -4.27 11.41
CA GLY A 503 26.59 -5.10 12.04
C GLY A 503 26.52 -4.99 13.53
N SER A 504 26.95 -6.05 14.22
CA SER A 504 27.05 -6.09 15.68
C SER A 504 28.52 -6.13 16.02
N PHE A 505 28.98 -5.14 16.76
CA PHE A 505 30.40 -4.98 17.12
C PHE A 505 30.55 -5.34 18.59
N GLU A 506 31.25 -6.44 18.86
CA GLU A 506 31.47 -6.91 20.22
C GLU A 506 32.83 -6.42 20.68
N PHE A 507 32.83 -5.65 21.77
CA PHE A 507 34.04 -5.06 22.33
C PHE A 507 34.33 -5.66 23.70
N GLY A 508 35.62 -5.74 24.05
CA GLY A 508 36.01 -6.02 25.44
C GLY A 508 35.55 -4.91 26.37
N LEU A 509 35.29 -5.24 27.63
CA LEU A 509 34.82 -4.26 28.61
C LEU A 509 35.81 -3.15 28.91
N ASN A 510 37.11 -3.39 28.69
CA ASN A 510 38.13 -2.35 28.86
C ASN A 510 38.86 -2.03 27.57
N THR A 511 38.15 -2.14 26.45
CA THR A 511 38.74 -1.86 25.14
C THR A 511 39.17 -0.40 25.02
N THR A 512 40.20 -0.16 24.23
CA THR A 512 40.53 1.18 23.73
C THR A 512 40.52 1.17 22.21
N ALA A 513 39.96 0.12 21.61
CA ALA A 513 39.91 0.01 20.16
C ALA A 513 38.70 0.78 19.65
N LYS A 514 38.78 1.20 18.38
CA LYS A 514 37.65 1.83 17.71
C LYS A 514 37.30 0.97 16.50
N ALA A 515 36.00 0.91 16.19
CA ALA A 515 35.56 0.24 14.97
C ALA A 515 34.29 0.88 14.44
N GLY A 516 33.97 0.57 13.19
CA GLY A 516 32.74 1.05 12.60
C GLY A 516 32.67 0.77 11.12
N PHE A 517 32.06 1.69 10.38
CA PHE A 517 31.79 1.52 8.96
C PHE A 517 32.28 2.72 8.19
N ARG A 518 32.91 2.44 7.04
CA ARG A 518 33.19 3.48 6.05
C ARG A 518 32.17 3.32 4.94
N VAL A 519 31.60 4.44 4.49
CA VAL A 519 30.59 4.44 3.42
C VAL A 519 30.87 5.51 2.38
N LEU A 520 30.18 5.42 1.25
CA LEU A 520 30.34 6.32 0.10
C LEU A 520 31.83 6.52 -0.20
N ALA A 521 32.52 5.39 -0.38
CA ALA A 521 33.97 5.33 -0.38
C ALA A 521 34.58 4.96 -1.73
N SER A 522 35.54 5.79 -2.15
CA SER A 522 36.52 5.43 -3.17
C SER A 522 37.88 5.66 -2.50
N GLU A 523 38.97 5.57 -3.26
CA GLU A 523 40.29 5.89 -2.73
C GLU A 523 40.37 7.32 -2.21
N GLU A 524 39.76 8.26 -2.92
CA GLU A 524 39.91 9.70 -2.65
C GLU A 524 38.81 10.35 -1.84
N GLU A 525 37.63 9.72 -1.77
CA GLU A 525 36.50 10.26 -1.00
C GLU A 525 35.89 9.15 -0.18
N TYR A 526 35.54 9.45 1.05
CA TYR A 526 34.92 8.47 1.95
C TYR A 526 34.42 9.16 3.21
N THR A 527 33.47 8.50 3.88
CA THR A 527 32.90 8.98 5.11
C THR A 527 33.04 7.87 6.14
N ASP A 528 33.63 8.20 7.28
CA ASP A 528 33.96 7.23 8.32
C ASP A 528 33.06 7.37 9.53
N ILE A 529 32.39 6.28 9.87
CA ILE A 529 31.52 6.21 11.04
C ILE A 529 32.22 5.34 12.08
N TRP A 530 32.65 5.96 13.19
CA TRP A 530 33.45 5.30 14.21
C TRP A 530 32.68 5.22 15.51
N PHE A 531 32.83 4.13 16.24
CA PHE A 531 32.46 4.11 17.64
C PHE A 531 33.71 3.84 18.47
N ASP A 532 33.82 4.58 19.57
CA ASP A 532 34.97 4.56 20.47
C ASP A 532 34.43 4.31 21.86
N PRO A 533 34.30 3.03 22.24
CA PRO A 533 33.69 2.70 23.54
C PRO A 533 34.34 3.39 24.74
N ALA A 534 35.66 3.61 24.71
CA ALA A 534 36.36 4.26 25.82
C ALA A 534 35.83 5.67 26.11
N SER A 535 35.51 6.43 25.07
CA SER A 535 34.93 7.78 25.21
C SER A 535 33.39 7.80 25.16
N GLU A 536 32.78 6.70 24.72
CA GLU A 536 31.33 6.56 24.50
C GLU A 536 30.83 7.41 23.32
N ASN A 537 31.72 7.74 22.40
CA ASN A 537 31.42 8.64 21.29
C ASN A 537 31.27 7.89 19.98
N LEU A 538 30.14 8.11 19.32
CA LEU A 538 29.92 7.70 17.94
C LEU A 538 30.17 8.92 17.08
N THR A 539 31.12 8.84 16.16
CA THR A 539 31.49 9.98 15.33
C THR A 539 31.34 9.68 13.85
N VAL A 540 31.08 10.74 13.07
CA VAL A 540 31.11 10.66 11.63
C VAL A 540 32.14 11.68 11.17
N VAL A 541 33.27 11.17 10.70
CA VAL A 541 34.38 12.00 10.26
C VAL A 541 34.20 12.23 8.78
N ARG A 542 34.15 13.51 8.39
CA ARG A 542 33.80 13.92 7.05
C ARG A 542 34.85 14.79 6.37
N THR A 543 36.07 14.75 6.88
CA THR A 543 37.19 15.50 6.30
C THR A 543 37.49 15.08 4.87
N ALA A 544 37.19 13.83 4.52
CA ALA A 544 37.38 13.33 3.16
C ALA A 544 36.06 12.97 2.45
N SER A 545 34.91 13.36 3.02
CA SER A 545 33.61 13.01 2.42
C SER A 545 33.47 13.45 0.96
N SER A 546 34.02 14.61 0.61
CA SER A 546 33.91 15.13 -0.75
C SER A 546 35.10 15.97 -1.19
N LEU A 547 35.43 15.86 -2.47
CA LEU A 547 36.38 16.76 -3.14
C LEU A 547 35.80 18.17 -3.32
N ILE A 548 34.46 18.28 -3.29
CA ILE A 548 33.81 19.60 -3.37
C ILE A 548 33.92 20.26 -2.01
N LYS A 549 34.68 21.34 -1.94
CA LYS A 549 35.09 21.93 -0.66
C LYS A 549 34.04 22.83 0.02
N SER A 550 32.98 23.19 -0.70
CA SER A 550 31.97 24.12 -0.14
C SER A 550 30.97 23.46 0.82
N PHE A 551 30.85 22.13 0.80
CA PHE A 551 29.95 21.42 1.73
C PHE A 551 30.54 21.31 3.12
N GLY A 552 29.70 21.14 4.13
CA GLY A 552 30.17 21.00 5.51
C GLY A 552 31.04 19.77 5.66
N ASN A 553 32.05 19.87 6.51
CA ASN A 553 32.96 18.76 6.78
C ASN A 553 33.25 18.54 8.26
N ASP A 554 32.45 19.13 9.14
CA ASP A 554 32.62 18.98 10.57
C ASP A 554 32.26 17.56 11.01
N THR A 555 32.91 17.12 12.08
CA THR A 555 32.71 15.79 12.61
C THR A 555 31.42 15.73 13.41
N GLU A 556 30.54 14.78 13.06
CA GLU A 556 29.32 14.57 13.83
C GLU A 556 29.66 13.74 15.06
N LEU A 557 28.89 13.90 16.12
CA LEU A 557 29.14 13.18 17.37
C LEU A 557 27.83 12.89 18.09
N ALA A 558 27.69 11.63 18.51
CA ALA A 558 26.63 11.20 19.40
C ALA A 558 27.23 10.45 20.58
N LYS A 559 26.60 10.55 21.75
CA LYS A 559 26.92 9.71 22.90
C LYS A 559 26.11 8.44 22.81
N VAL A 560 26.75 7.29 23.04
CA VAL A 560 26.04 6.01 23.10
C VAL A 560 26.48 5.25 24.36
N LYS A 561 25.53 4.90 25.21
CA LYS A 561 25.77 4.14 26.43
C LYS A 561 25.60 2.66 26.12
N LEU A 562 26.69 1.90 26.13
CA LEU A 562 26.58 0.44 26.03
C LEU A 562 26.27 -0.10 27.42
N TYR A 563 25.00 -0.46 27.65
CA TYR A 563 24.56 -0.99 28.93
C TYR A 563 25.12 -2.41 29.02
N GLU A 564 26.04 -2.62 29.96
CA GLU A 564 26.73 -3.91 30.08
C GLU A 564 25.80 -4.86 30.81
N ILE A 565 25.73 -6.11 30.35
CA ILE A 565 24.79 -7.09 30.88
C ILE A 565 25.50 -7.96 31.94
N VAL A 566 24.78 -8.27 33.02
CA VAL A 566 25.33 -9.07 34.14
C VAL A 566 25.84 -10.39 33.58
N GLY A 567 27.08 -10.73 33.92
CA GLY A 567 27.71 -11.97 33.46
C GLY A 567 28.43 -11.89 32.13
N ALA A 568 28.23 -10.81 31.37
CA ALA A 568 28.86 -10.66 30.07
C ALA A 568 30.30 -10.24 30.24
N GLU A 569 31.17 -10.75 29.37
CA GLU A 569 32.58 -10.34 29.35
C GLU A 569 32.86 -9.46 28.13
N SER A 570 31.81 -8.84 27.60
CA SER A 570 31.92 -7.97 26.44
C SER A 570 30.73 -7.03 26.42
N LYS A 571 30.79 -6.06 25.52
CA LYS A 571 29.71 -5.11 25.32
C LYS A 571 29.54 -4.90 23.82
N THR A 572 28.28 -4.79 23.39
CA THR A 572 27.94 -4.83 21.97
C THR A 572 27.22 -3.57 21.46
N LEU A 573 27.67 -3.11 20.30
CA LEU A 573 27.06 -2.02 19.55
C LEU A 573 26.43 -2.63 18.31
N ASN A 574 25.11 -2.51 18.19
CA ASN A 574 24.41 -2.83 16.96
C ASN A 574 24.22 -1.56 16.15
N LEU A 575 24.91 -1.47 15.02
CA LEU A 575 25.00 -0.27 14.24
C LEU A 575 24.39 -0.53 12.88
N THR A 576 23.38 0.27 12.50
CA THR A 576 22.73 0.19 11.20
C THR A 576 22.88 1.55 10.49
N VAL A 577 23.24 1.51 9.20
CA VAL A 577 23.45 2.73 8.41
C VAL A 577 22.67 2.66 7.11
N PHE A 578 21.92 3.73 6.83
CA PHE A 578 21.25 3.93 5.55
C PHE A 578 21.97 5.02 4.79
N VAL A 579 22.31 4.70 3.54
CA VAL A 579 22.94 5.60 2.60
C VAL A 579 21.96 5.82 1.48
N ASP A 580 21.58 7.06 1.26
CA ASP A 580 20.50 7.40 0.34
C ASP A 580 20.81 8.72 -0.35
N GLY A 581 21.52 8.65 -1.46
CA GLY A 581 22.00 9.83 -2.16
C GLY A 581 23.10 10.47 -1.33
N SER A 582 22.76 11.57 -0.70
CA SER A 582 23.64 12.29 0.22
C SER A 582 23.34 12.05 1.68
N VAL A 583 22.19 11.43 2.00
CA VAL A 583 21.84 11.17 3.37
C VAL A 583 22.62 9.97 3.90
N ILE A 584 23.20 10.12 5.08
CA ILE A 584 23.72 9.00 5.87
C ILE A 584 22.94 9.05 7.18
N GLU A 585 22.13 8.02 7.42
CA GLU A 585 21.28 7.97 8.60
C GLU A 585 21.65 6.74 9.42
N ILE A 586 22.08 6.98 10.66
CA ILE A 586 22.71 5.98 11.51
C ILE A 586 21.82 5.69 12.70
N TYR A 587 21.63 4.40 13.01
CA TYR A 587 20.89 3.97 14.17
C TYR A 587 21.77 3.04 15.00
N ALA A 588 21.84 3.28 16.31
CA ALA A 588 22.56 2.40 17.23
C ALA A 588 21.63 1.86 18.29
N ASN A 589 21.57 0.54 18.41
CA ASN A 589 20.85 -0.14 19.49
C ASN A 589 19.38 0.26 19.64
N ASP A 590 18.73 0.57 18.52
CA ASP A 590 17.32 1.05 18.51
C ASP A 590 17.10 2.17 19.54
N GLU A 591 18.04 3.11 19.57
CA GLU A 591 18.09 4.14 20.62
C GLU A 591 18.68 5.44 20.09
N VAL A 592 19.90 5.37 19.59
CA VAL A 592 20.65 6.56 19.18
C VAL A 592 20.52 6.72 17.67
N ALA A 593 20.14 7.90 17.22
CA ALA A 593 20.02 8.22 15.80
C ALA A 593 20.93 9.40 15.48
N LEU A 594 21.55 9.36 14.31
CA LEU A 594 22.39 10.44 13.83
C LEU A 594 22.25 10.53 12.32
N SER A 595 21.66 11.62 11.84
CA SER A 595 21.48 11.89 10.41
C SER A 595 22.50 12.90 9.94
N THR A 596 23.14 12.66 8.81
CA THR A 596 24.11 13.63 8.29
C THR A 596 24.14 13.57 6.76
N ARG A 597 25.06 14.34 6.17
CA ARG A 597 25.14 14.50 4.73
C ARG A 597 26.57 14.32 4.22
N ALA A 598 26.70 13.69 3.08
CA ALA A 598 27.99 13.57 2.37
C ALA A 598 27.73 13.69 0.89
N TYR A 599 28.57 14.47 0.21
CA TYR A 599 28.37 14.78 -1.20
C TYR A 599 29.61 14.48 -2.05
N PRO A 600 30.11 13.23 -2.01
CA PRO A 600 31.27 12.92 -2.88
C PRO A 600 30.96 13.13 -4.36
N TRP A 601 31.93 13.69 -5.07
CA TRP A 601 31.78 13.96 -6.49
C TRP A 601 31.95 12.73 -7.37
N LEU A 602 32.92 11.88 -7.06
CA LEU A 602 33.30 10.81 -8.00
C LEU A 602 32.21 9.74 -8.07
N ALA A 603 31.94 9.28 -9.28
CA ALA A 603 30.92 8.24 -9.52
C ALA A 603 31.19 6.95 -8.76
N ASN A 604 32.47 6.63 -8.53
CA ASN A 604 32.81 5.40 -7.81
C ASN A 604 32.97 5.55 -6.29
N SER A 605 32.63 6.71 -5.73
CA SER A 605 32.63 6.89 -4.28
C SER A 605 31.34 6.32 -3.65
N THR A 606 31.15 5.02 -3.83
CA THR A 606 29.97 4.30 -3.37
C THR A 606 30.28 3.12 -2.45
N GLY A 607 31.56 2.79 -2.29
CA GLY A 607 31.96 1.59 -1.56
C GLY A 607 31.75 1.67 -0.07
N ALA A 608 31.83 0.50 0.57
CA ALA A 608 31.63 0.41 2.00
C ALA A 608 32.38 -0.76 2.62
N GLY A 609 32.67 -0.65 3.90
CA GLY A 609 33.34 -1.71 4.63
C GLY A 609 33.58 -1.37 6.07
N LEU A 610 34.47 -2.13 6.69
CA LEU A 610 34.75 -2.03 8.12
C LEU A 610 35.93 -1.14 8.41
N LEU A 611 35.82 -0.40 9.51
CA LEU A 611 36.88 0.44 10.03
C LEU A 611 37.40 -0.18 11.32
N ALA A 612 38.72 -0.08 11.51
CA ALA A 612 39.39 -0.63 12.69
C ALA A 612 40.54 0.29 13.09
N ASP A 613 40.63 0.62 14.38
CA ASP A 613 41.72 1.43 14.90
C ASP A 613 42.12 0.92 16.28
N GLY A 614 43.41 0.59 16.43
CA GLY A 614 43.91 0.08 17.69
C GLY A 614 43.43 -1.31 18.04
N THR A 615 43.03 -2.09 17.04
CA THR A 615 42.69 -3.50 17.27
C THR A 615 44.00 -4.29 17.24
N THR A 616 44.14 -5.18 18.21
CA THR A 616 45.39 -5.94 18.41
C THR A 616 45.04 -7.41 18.65
N ALA A 617 46.08 -8.23 18.86
CA ALA A 617 45.86 -9.62 19.28
C ALA A 617 45.07 -9.73 20.58
N GLY A 618 45.29 -8.79 21.50
CA GLY A 618 44.63 -8.78 22.80
C GLY A 618 43.34 -7.96 22.82
N ASP A 619 43.31 -6.86 22.08
CA ASP A 619 42.15 -5.95 22.10
C ASP A 619 41.43 -6.13 20.77
N VAL A 620 40.49 -7.07 20.76
CA VAL A 620 39.89 -7.56 19.53
C VAL A 620 38.44 -7.05 19.45
N VAL A 621 37.98 -6.75 18.24
CA VAL A 621 36.57 -6.39 18.01
C VAL A 621 35.96 -7.42 17.08
N GLY A 622 34.97 -8.16 17.59
CA GLY A 622 34.28 -9.19 16.84
C GLY A 622 33.08 -8.59 16.16
N VAL A 623 33.05 -8.64 14.84
CA VAL A 623 31.93 -8.13 14.07
C VAL A 623 31.13 -9.31 13.50
N SER A 624 29.83 -9.32 13.79
CA SER A 624 28.92 -10.37 13.34
C SER A 624 27.59 -9.75 12.93
N GLY A 625 26.69 -10.58 12.41
CA GLY A 625 25.40 -10.12 11.90
C GLY A 625 25.53 -9.10 10.78
N LEU A 626 26.58 -9.24 9.97
CA LEU A 626 26.87 -8.29 8.91
C LEU A 626 25.99 -8.54 7.70
N GLU A 627 25.38 -7.47 7.18
CA GLU A 627 24.53 -7.61 6.00
C GLU A 627 24.46 -6.30 5.23
N LEU A 628 24.52 -6.42 3.90
CA LEU A 628 24.40 -5.29 2.98
C LEU A 628 23.12 -5.44 2.18
N TRP A 629 22.31 -4.37 2.14
CA TRP A 629 21.17 -4.28 1.23
C TRP A 629 21.49 -3.26 0.15
N ASP A 630 21.70 -3.71 -1.08
CA ASP A 630 21.98 -2.81 -2.20
C ASP A 630 20.72 -2.49 -3.00
N GLY A 631 20.38 -1.20 -3.07
CA GLY A 631 19.29 -0.72 -3.93
C GLY A 631 18.16 -0.02 -3.19
N LEU A 632 17.74 -0.58 -2.06
CA LEU A 632 16.59 -0.08 -1.29
C LEU A 632 15.34 -0.04 -2.19
N VAL A 633 14.49 0.97 -2.04
CA VAL A 633 13.23 1.09 -2.76
C VAL A 633 13.21 2.42 -3.49
N ASP A 634 12.61 2.43 -4.67
CA ASP A 634 12.26 3.66 -5.37
C ASP A 634 11.02 4.25 -4.65
N ALA A 635 11.24 5.23 -3.78
CA ALA A 635 10.15 5.74 -2.92
C ALA A 635 9.07 6.54 -3.64
N TRP A 636 9.37 7.03 -4.85
CA TRP A 636 8.44 7.85 -5.62
C TRP A 636 8.30 7.29 -7.03
N PRO A 637 7.65 6.12 -7.16
CA PRO A 637 7.65 5.43 -8.45
C PRO A 637 7.02 6.19 -9.60
N ALA A 638 6.05 7.06 -9.33
CA ALA A 638 5.42 7.84 -10.39
C ALA A 638 6.25 9.04 -10.85
N ARG A 639 7.25 9.46 -10.08
CA ARG A 639 8.04 10.62 -10.45
C ARG A 639 9.12 10.23 -11.45
N PRO A 640 9.33 11.05 -12.50
CA PRO A 640 10.54 10.84 -13.29
C PRO A 640 11.80 11.18 -12.47
N ALA A 641 12.97 10.89 -13.03
CA ALA A 641 14.24 11.14 -12.33
C ALA A 641 14.42 12.63 -11.99
N ASN A 642 14.05 13.49 -12.94
CA ASN A 642 14.17 14.93 -12.78
C ASN A 642 12.79 15.57 -12.69
N THR A 643 12.38 15.92 -11.47
CA THR A 643 11.10 16.61 -11.24
C THR A 643 11.28 18.11 -11.01
N SER A 644 12.45 18.66 -11.33
CA SER A 644 12.62 20.12 -11.35
C SER A 644 11.60 20.77 -12.28
N GLN A 645 11.07 21.91 -11.86
CA GLN A 645 10.28 22.76 -12.73
C GLN A 645 10.98 24.09 -12.95
N GLY A 646 12.29 24.12 -12.71
CA GLY A 646 13.04 25.37 -12.76
C GLY A 646 12.92 26.16 -11.47
N LEU A 647 13.72 27.20 -11.36
CA LEU A 647 13.72 28.08 -10.20
C LEU A 647 13.34 29.49 -10.62
N VAL A 648 12.73 30.23 -9.70
CA VAL A 648 12.28 31.59 -9.99
C VAL A 648 12.75 32.54 -8.90
N TRP A 649 12.79 33.82 -9.27
CA TRP A 649 13.13 34.89 -8.36
C TRP A 649 11.88 35.73 -8.11
N ASP A 650 11.65 36.09 -6.86
CA ASP A 650 10.50 36.92 -6.49
C ASP A 650 10.62 38.38 -6.98
N GLY A 651 11.82 38.79 -7.33
CA GLY A 651 12.05 40.13 -7.85
C GLY A 651 12.40 41.11 -6.75
N PRO A 652 12.54 42.39 -7.12
CA PRO A 652 12.97 43.41 -6.16
C PRO A 652 12.02 43.62 -4.97
N THR A 653 10.74 43.24 -5.09
CA THR A 653 9.83 43.38 -3.95
C THR A 653 10.16 42.46 -2.76
N ALA A 654 10.91 41.38 -2.98
CA ALA A 654 11.24 40.49 -1.86
C ALA A 654 11.98 41.24 -0.76
N ALA A 655 12.97 42.04 -1.16
CA ALA A 655 13.72 42.86 -0.21
C ALA A 655 12.87 43.99 0.38
N MET A 656 11.93 44.53 -0.40
CA MET A 656 11.03 45.56 0.10
C MET A 656 10.13 45.03 1.22
N TYR A 657 9.52 43.87 0.99
CA TYR A 657 8.64 43.27 2.00
C TYR A 657 9.45 42.75 3.17
N GLY A 658 10.64 42.22 2.90
CA GLY A 658 11.57 41.79 3.94
C GLY A 658 11.22 40.49 4.65
N LEU A 659 10.33 39.71 4.06
CA LEU A 659 9.81 38.49 4.66
C LEU A 659 10.52 37.23 4.23
N PHE A 660 10.83 37.15 2.93
CA PHE A 660 11.43 35.98 2.31
C PHE A 660 12.68 36.39 1.54
N ALA A 661 13.67 35.49 1.50
CA ALA A 661 14.89 35.74 0.73
C ALA A 661 14.56 36.10 -0.73
N GLY A 662 13.58 35.42 -1.31
CA GLY A 662 13.09 35.70 -2.66
C GLY A 662 13.55 34.71 -3.74
N TYR A 663 14.35 33.72 -3.35
CA TYR A 663 14.86 32.71 -4.29
C TYR A 663 14.94 31.38 -3.58
N CYS B 40 -40.81 -7.92 9.77
CA CYS B 40 -39.42 -8.41 9.48
C CYS B 40 -38.58 -8.52 10.76
N SER B 41 -38.32 -9.77 11.15
CA SER B 41 -37.40 -10.05 12.25
C SER B 41 -36.02 -10.34 11.68
N LEU B 42 -34.99 -9.78 12.30
CA LEU B 42 -33.60 -10.05 11.95
C LEU B 42 -32.94 -10.93 13.01
N ASP B 43 -33.75 -11.74 13.71
CA ASP B 43 -33.24 -12.62 14.76
C ASP B 43 -32.59 -13.84 14.11
N GLN B 44 -31.26 -13.87 14.12
CA GLN B 44 -30.51 -14.99 13.55
C GLN B 44 -30.23 -16.12 14.56
N THR B 45 -30.89 -16.10 15.73
CA THR B 45 -30.86 -17.23 16.67
C THR B 45 -32.05 -18.17 16.49
N VAL B 46 -33.00 -17.81 15.63
CA VAL B 46 -34.18 -18.64 15.33
C VAL B 46 -34.33 -18.77 13.82
N ALA B 47 -35.24 -19.65 13.40
CA ALA B 47 -35.53 -19.84 11.98
C ALA B 47 -35.92 -18.53 11.30
N PRO B 48 -35.53 -18.36 10.01
CA PRO B 48 -35.88 -17.12 9.32
C PRO B 48 -37.37 -17.05 9.04
N GLY B 49 -37.94 -15.86 9.19
CA GLY B 49 -39.32 -15.63 8.80
C GLY B 49 -39.45 -15.41 7.31
N ASN B 50 -40.46 -14.64 6.94
CA ASN B 50 -40.65 -14.24 5.56
C ASN B 50 -39.78 -12.99 5.35
N LEU B 51 -38.58 -13.19 4.84
CA LEU B 51 -37.64 -12.08 4.67
C LEU B 51 -38.00 -11.13 3.52
N THR B 52 -38.92 -11.53 2.63
CA THR B 52 -39.43 -10.64 1.59
C THR B 52 -40.24 -9.45 2.15
N LEU B 53 -40.68 -9.56 3.40
CA LEU B 53 -41.33 -8.44 4.10
C LEU B 53 -40.34 -7.39 4.62
N CYS B 54 -39.05 -7.72 4.63
CA CYS B 54 -38.02 -6.79 5.09
C CYS B 54 -37.82 -5.64 4.11
N GLY B 55 -37.44 -4.49 4.64
CA GLY B 55 -37.23 -3.28 3.85
C GLY B 55 -35.96 -3.32 3.03
N ASN B 56 -35.79 -2.28 2.21
CA ASN B 56 -34.61 -2.16 1.35
C ASN B 56 -33.33 -2.08 2.18
N ALA B 57 -32.34 -2.89 1.82
CA ALA B 57 -31.02 -2.89 2.48
C ALA B 57 -31.06 -3.25 3.98
N THR B 58 -32.15 -3.87 4.45
CA THR B 58 -32.21 -4.32 5.84
C THR B 58 -31.34 -5.56 6.06
N LEU B 59 -31.04 -6.29 4.99
CA LEU B 59 -30.09 -7.41 5.04
C LEU B 59 -28.73 -7.04 4.42
N PHE B 60 -28.35 -5.77 4.52
CA PHE B 60 -27.12 -5.28 3.85
C PHE B 60 -25.86 -6.00 4.36
N THR B 61 -25.70 -6.09 5.68
CA THR B 61 -24.50 -6.70 6.27
C THR B 61 -24.58 -8.20 6.48
N THR B 62 -25.79 -8.77 6.42
CA THR B 62 -26.03 -10.15 6.83
C THR B 62 -25.16 -11.18 6.12
N PHE B 63 -25.06 -11.06 4.80
CA PHE B 63 -24.34 -12.01 3.97
C PHE B 63 -23.17 -11.38 3.21
N ARG B 64 -22.77 -10.18 3.61
CA ARG B 64 -21.93 -9.35 2.74
C ARG B 64 -20.43 -9.67 2.88
N PRO B 65 -19.75 -9.91 1.75
CA PRO B 65 -18.28 -10.05 1.85
C PRO B 65 -17.62 -8.80 2.46
N LYS B 66 -16.57 -9.03 3.26
CA LYS B 66 -15.77 -7.95 3.88
C LYS B 66 -14.30 -7.93 3.42
N ALA B 67 -13.80 -9.01 2.81
CA ALA B 67 -12.36 -9.20 2.59
C ALA B 67 -11.97 -9.12 1.13
N ARG B 68 -12.85 -8.61 0.27
CA ARG B 68 -12.63 -8.58 -1.18
C ARG B 68 -13.20 -7.32 -1.83
N PHE B 69 -12.91 -7.19 -3.11
CA PHE B 69 -13.40 -6.07 -3.89
C PHE B 69 -14.91 -6.21 -4.09
N ILE B 70 -15.64 -5.16 -3.74
CA ILE B 70 -17.08 -5.07 -3.92
C ILE B 70 -17.44 -3.59 -3.99
N ALA B 71 -18.46 -3.25 -4.77
CA ALA B 71 -18.97 -1.88 -4.84
C ALA B 71 -19.48 -1.42 -3.46
N PRO B 72 -19.54 -0.09 -3.22
CA PRO B 72 -20.13 0.35 -1.94
C PRO B 72 -21.60 -0.09 -1.74
N GLU B 73 -22.35 -0.15 -2.84
CA GLU B 73 -23.75 -0.57 -2.77
C GLU B 73 -24.26 -0.80 -4.17
N GLY B 74 -25.45 -1.40 -4.26
CA GLY B 74 -26.13 -1.53 -5.54
C GLY B 74 -25.55 -2.61 -6.41
N TRP B 75 -25.84 -2.49 -7.70
CA TRP B 75 -25.50 -3.51 -8.69
C TRP B 75 -24.08 -3.33 -9.20
N MET B 76 -23.33 -4.43 -9.24
CA MET B 76 -22.08 -4.48 -10.00
C MET B 76 -22.02 -5.74 -10.85
N ASN B 77 -21.26 -5.68 -11.94
CA ASN B 77 -20.90 -6.89 -12.67
C ASN B 77 -19.42 -6.89 -13.08
N ALA B 78 -19.11 -6.88 -14.37
CA ALA B 78 -17.76 -7.18 -14.86
C ALA B 78 -16.69 -6.20 -14.38
N PRO B 79 -15.52 -6.70 -13.97
CA PRO B 79 -14.34 -5.85 -13.89
C PRO B 79 -14.06 -5.18 -15.22
N MET B 80 -13.47 -3.99 -15.17
CA MET B 80 -13.11 -3.25 -16.37
C MET B 80 -12.01 -2.23 -16.05
N GLY B 81 -11.40 -1.71 -17.09
CA GLY B 81 -10.40 -0.63 -16.97
C GLY B 81 -9.27 -0.91 -16.01
N LEU B 82 -8.83 -2.16 -15.96
CA LEU B 82 -7.82 -2.60 -15.01
C LEU B 82 -6.44 -2.16 -15.48
N TYR B 83 -5.69 -1.48 -14.61
CA TYR B 83 -4.30 -1.15 -14.92
C TYR B 83 -3.50 -0.80 -13.69
N GLN B 84 -2.21 -1.07 -13.77
CA GLN B 84 -1.28 -0.66 -12.73
C GLN B 84 -0.85 0.76 -13.06
N ARG B 85 -1.12 1.67 -12.14
CA ARG B 85 -0.83 3.09 -12.34
C ARG B 85 0.66 3.36 -12.17
N ALA B 86 1.07 4.56 -12.54
CA ALA B 86 2.50 4.94 -12.52
C ALA B 86 3.13 4.82 -11.13
N ASP B 87 2.33 5.05 -10.08
CA ASP B 87 2.82 4.92 -8.70
C ASP B 87 2.87 3.48 -8.16
N GLY B 88 2.54 2.50 -9.02
CA GLY B 88 2.56 1.11 -8.64
C GLY B 88 1.23 0.57 -8.12
N SER B 89 0.29 1.46 -7.80
CA SER B 89 -1.02 1.04 -7.31
C SER B 89 -1.87 0.44 -8.43
N ILE B 90 -2.91 -0.28 -8.04
CA ILE B 90 -3.81 -0.93 -8.98
C ILE B 90 -5.10 -0.13 -9.07
N HIS B 91 -5.47 0.26 -10.30
CA HIS B 91 -6.77 0.85 -10.58
C HIS B 91 -7.69 -0.25 -11.07
N ALA B 92 -8.82 -0.41 -10.41
CA ALA B 92 -9.85 -1.37 -10.80
C ALA B 92 -11.16 -0.65 -11.05
N GLY B 93 -11.68 -0.82 -12.25
CA GLY B 93 -13.02 -0.38 -12.60
C GLY B 93 -13.99 -1.54 -12.54
N TYR B 94 -15.28 -1.23 -12.54
CA TYR B 94 -16.31 -2.25 -12.63
C TYR B 94 -17.60 -1.69 -13.17
N GLN B 95 -18.33 -2.54 -13.90
CA GLN B 95 -19.67 -2.24 -14.36
C GLN B 95 -20.55 -2.03 -13.13
N SER B 96 -21.22 -0.87 -13.08
CA SER B 96 -21.87 -0.37 -11.87
C SER B 96 -23.21 0.29 -12.16
N HIS B 97 -24.20 -0.01 -11.32
CA HIS B 97 -25.49 0.68 -11.33
C HIS B 97 -25.88 0.98 -9.88
N PRO B 98 -25.39 2.12 -9.35
CA PRO B 98 -25.69 2.50 -7.96
C PRO B 98 -27.18 2.63 -7.69
N LYS B 99 -27.57 2.32 -6.46
CA LYS B 99 -28.93 2.53 -5.97
C LYS B 99 -29.99 1.71 -6.71
N HIS B 100 -29.54 0.65 -7.40
CA HIS B 100 -30.39 -0.31 -8.09
C HIS B 100 -29.83 -1.69 -7.77
N ILE B 101 -30.65 -2.73 -7.93
CA ILE B 101 -30.19 -4.11 -7.76
C ILE B 101 -30.33 -4.97 -9.01
N GLN B 102 -30.66 -4.34 -10.13
CA GLN B 102 -30.54 -4.95 -11.45
C GLN B 102 -29.72 -4.03 -12.33
N TRP B 103 -29.19 -4.59 -13.40
CA TRP B 103 -28.35 -3.90 -14.37
C TRP B 103 -29.07 -2.73 -15.07
N GLY B 104 -28.29 -1.72 -15.44
CA GLY B 104 -28.83 -0.60 -16.21
C GLY B 104 -27.93 0.62 -16.09
N ASN B 105 -28.18 1.61 -16.94
CA ASN B 105 -27.35 2.82 -17.06
C ASN B 105 -25.89 2.53 -16.79
N ILE B 106 -25.38 1.46 -17.39
CA ILE B 106 -24.21 0.83 -16.84
C ILE B 106 -22.99 1.77 -17.02
N SER B 107 -22.23 1.88 -15.93
CA SER B 107 -21.17 2.87 -15.76
C SER B 107 -19.93 2.20 -15.19
N GLN B 108 -18.82 2.91 -15.21
CA GLN B 108 -17.61 2.47 -14.52
C GLN B 108 -17.57 3.06 -13.13
N GLY B 109 -17.69 2.19 -12.12
CA GLY B 109 -17.31 2.50 -10.75
C GLY B 109 -15.83 2.17 -10.61
N ALA B 110 -15.13 2.80 -9.66
CA ALA B 110 -13.70 2.59 -9.58
C ALA B 110 -13.13 2.75 -8.18
N ALA B 111 -11.99 2.11 -7.97
CA ALA B 111 -11.26 2.18 -6.72
C ALA B 111 -9.80 1.83 -6.97
N TYR B 112 -8.96 2.07 -5.97
CA TYR B 112 -7.54 1.76 -6.10
C TYR B 112 -6.97 1.09 -4.85
N SER B 113 -5.85 0.40 -5.05
CA SER B 113 -5.19 -0.34 -4.00
C SER B 113 -3.71 -0.46 -4.28
N SER B 114 -2.89 -0.40 -3.23
CA SER B 114 -1.47 -0.66 -3.39
C SER B 114 -1.09 -2.15 -3.32
N ASP B 115 -2.02 -3.03 -2.94
CA ASP B 115 -1.68 -4.44 -2.67
C ASP B 115 -2.74 -5.47 -3.10
N PHE B 116 -3.63 -5.06 -4.01
CA PHE B 116 -4.80 -5.84 -4.45
C PHE B 116 -5.84 -6.13 -3.36
N THR B 117 -5.60 -5.69 -2.13
CA THR B 117 -6.26 -6.27 -0.97
C THR B 117 -7.05 -5.25 -0.16
N SER B 118 -6.39 -4.16 0.21
CA SER B 118 -7.02 -3.04 0.88
C SER B 118 -7.29 -1.96 -0.16
N TRP B 119 -8.55 -1.53 -0.27
CA TRP B 119 -9.00 -0.65 -1.36
C TRP B 119 -9.55 0.68 -0.85
N THR B 120 -9.51 1.67 -1.72
CA THR B 120 -10.09 2.99 -1.48
C THR B 120 -10.94 3.40 -2.68
N ASP B 121 -12.18 3.81 -2.41
CA ASP B 121 -13.07 4.30 -3.47
C ASP B 121 -12.60 5.64 -3.99
N PHE B 122 -12.74 5.87 -5.30
CA PHE B 122 -12.71 7.22 -5.83
C PHE B 122 -13.97 7.93 -5.37
N ASN B 123 -13.89 9.24 -5.19
CA ASN B 123 -15.05 10.06 -4.83
C ASN B 123 -14.97 11.36 -5.62
N GLY B 124 -15.89 11.52 -6.56
CA GLY B 124 -15.95 12.71 -7.40
C GLY B 124 -17.37 13.21 -7.49
N SER B 125 -17.65 13.97 -8.53
CA SER B 125 -18.99 14.57 -8.68
C SER B 125 -20.08 13.50 -8.83
N GLU B 126 -19.73 12.32 -9.34
CA GLU B 126 -20.68 11.20 -9.46
C GLU B 126 -20.38 10.09 -8.47
N GLY B 127 -19.98 10.46 -7.25
CA GLY B 127 -19.69 9.49 -6.20
C GLY B 127 -18.50 8.64 -6.58
N TYR B 128 -18.70 7.33 -6.63
CA TYR B 128 -17.63 6.40 -6.98
C TYR B 128 -17.60 6.04 -8.48
N LYS B 129 -18.51 6.59 -9.27
CA LYS B 129 -18.44 6.45 -10.72
C LYS B 129 -17.38 7.37 -11.30
N THR B 130 -16.72 6.91 -12.36
CA THR B 130 -15.77 7.74 -13.12
C THR B 130 -16.04 7.81 -14.62
N ILE B 131 -16.86 6.92 -15.17
CA ILE B 131 -17.37 7.04 -16.54
C ILE B 131 -18.85 6.61 -16.50
N TRP B 132 -19.68 7.32 -17.25
CA TRP B 132 -21.12 7.07 -17.27
C TRP B 132 -21.69 7.44 -18.64
N PRO B 133 -22.84 6.85 -18.97
CA PRO B 133 -23.54 7.25 -20.21
C PRO B 133 -23.77 8.76 -20.25
N SER B 134 -23.37 9.39 -21.35
CA SER B 134 -23.49 10.84 -21.49
C SER B 134 -23.64 11.40 -22.92
N GLN B 135 -23.51 10.54 -23.93
CA GLN B 135 -23.46 10.96 -25.33
C GLN B 135 -24.36 10.01 -26.11
N ILE B 136 -24.83 10.46 -27.27
CA ILE B 136 -25.70 9.60 -28.09
C ILE B 136 -25.07 8.21 -28.36
N TYR B 137 -23.75 8.17 -28.49
CA TYR B 137 -23.04 6.93 -28.82
C TYR B 137 -22.88 5.96 -27.63
N ASP B 138 -22.95 6.44 -26.39
CA ASP B 138 -22.87 5.57 -25.20
C ASP B 138 -24.02 5.70 -24.19
N ILE B 139 -25.11 6.37 -24.58
CA ILE B 139 -26.18 6.67 -23.62
C ILE B 139 -26.90 5.43 -23.09
N ARG B 140 -26.84 4.33 -23.83
CA ARG B 140 -27.48 3.08 -23.42
C ARG B 140 -26.60 2.26 -22.45
N GLY B 141 -25.34 2.65 -22.27
CA GLY B 141 -24.44 1.95 -21.37
C GLY B 141 -22.99 2.12 -21.77
N VAL B 142 -22.15 2.37 -20.78
CA VAL B 142 -20.69 2.33 -20.89
C VAL B 142 -20.31 0.91 -20.48
N PHE B 143 -20.14 0.06 -21.49
CA PHE B 143 -19.87 -1.36 -21.29
C PHE B 143 -18.37 -1.55 -20.98
N ASP B 144 -17.93 -2.80 -20.94
CA ASP B 144 -16.55 -3.16 -20.63
C ASP B 144 -15.55 -2.44 -21.55
N GLY B 145 -14.37 -2.16 -21.00
CA GLY B 145 -13.26 -1.59 -21.74
C GLY B 145 -11.95 -1.90 -21.05
N SER B 146 -10.85 -1.62 -21.74
CA SER B 146 -9.51 -1.94 -21.26
C SER B 146 -8.58 -0.77 -21.55
N ILE B 147 -7.38 -0.83 -20.97
CA ILE B 147 -6.51 0.34 -20.85
C ILE B 147 -5.32 0.30 -21.80
N ILE B 148 -5.14 1.40 -22.52
CA ILE B 148 -3.91 1.74 -23.21
C ILE B 148 -3.12 2.61 -22.23
N LYS B 149 -2.03 2.09 -21.69
CA LYS B 149 -1.32 2.80 -20.63
C LYS B 149 -0.68 4.09 -21.10
N GLU B 150 -0.11 4.08 -22.31
CA GLU B 150 0.42 5.30 -22.91
C GLU B 150 -0.40 5.66 -24.14
N GLY B 151 -1.48 6.40 -23.88
CA GLY B 151 -2.49 6.64 -24.90
C GLY B 151 -2.52 8.09 -25.35
N ILE B 152 -3.71 8.66 -25.36
CA ILE B 152 -3.94 10.00 -25.90
C ILE B 152 -3.09 11.00 -25.12
N ASP B 153 -2.25 11.77 -25.82
CA ASP B 153 -1.34 12.74 -25.19
C ASP B 153 -0.47 12.14 -24.08
N GLY B 154 -0.15 10.86 -24.22
CA GLY B 154 0.64 10.13 -23.22
C GLY B 154 -0.10 9.65 -21.98
N TYR B 155 -1.41 9.90 -21.89
CA TYR B 155 -2.19 9.56 -20.70
C TYR B 155 -2.80 8.17 -20.78
N PRO B 156 -3.05 7.55 -19.61
CA PRO B 156 -3.82 6.32 -19.64
C PRO B 156 -5.15 6.55 -20.34
N THR B 157 -5.51 5.62 -21.22
CA THR B 157 -6.63 5.75 -22.13
C THR B 157 -7.43 4.46 -22.11
N ILE B 158 -8.75 4.58 -22.02
CA ILE B 158 -9.63 3.43 -22.05
C ILE B 158 -10.30 3.36 -23.43
N LEU B 159 -10.30 2.15 -24.02
CA LEU B 159 -11.11 1.82 -25.18
C LEU B 159 -12.24 0.96 -24.64
N TYR B 160 -13.47 1.41 -24.81
CA TYR B 160 -14.65 0.77 -24.20
C TYR B 160 -15.79 0.64 -25.19
N THR B 161 -16.70 -0.27 -24.90
CA THR B 161 -17.88 -0.42 -25.74
C THR B 161 -18.93 0.62 -25.35
N SER B 162 -19.16 1.54 -26.28
CA SER B 162 -20.16 2.58 -26.16
C SER B 162 -21.42 2.06 -26.83
N THR B 163 -22.51 1.97 -26.07
CA THR B 163 -23.77 1.45 -26.61
C THR B 163 -24.83 2.53 -26.78
N SER B 164 -25.60 2.40 -27.85
CA SER B 164 -26.73 3.27 -28.13
C SER B 164 -28.01 2.41 -28.23
N PHE B 165 -29.05 2.96 -28.87
N PHE B 165 -29.08 2.97 -28.83
CA PHE B 165 -30.36 2.33 -28.91
CA PHE B 165 -30.39 2.31 -28.87
C PHE B 165 -30.40 1.13 -29.87
C PHE B 165 -30.41 1.14 -29.85
N GLY B 166 -31.42 0.30 -29.68
CA GLY B 166 -31.74 -0.80 -30.62
C GLY B 166 -31.64 -2.12 -29.91
N PRO B 167 -32.20 -3.19 -30.52
CA PRO B 167 -32.02 -4.52 -29.94
C PRO B 167 -30.55 -4.83 -29.73
N LEU B 168 -30.19 -5.32 -28.55
CA LEU B 168 -28.81 -5.62 -28.22
C LEU B 168 -28.77 -6.98 -27.53
N GLY B 169 -28.14 -7.94 -28.18
CA GLY B 169 -27.99 -9.27 -27.59
C GLY B 169 -27.78 -10.35 -28.62
N ALA B 170 -27.15 -11.43 -28.18
CA ALA B 170 -26.80 -12.56 -29.03
C ALA B 170 -28.02 -13.32 -29.56
N THR B 171 -29.14 -13.26 -28.83
CA THR B 171 -30.40 -13.90 -29.24
C THR B 171 -31.40 -12.92 -29.87
N LEU B 172 -30.99 -11.68 -30.13
CA LEU B 172 -31.84 -10.67 -30.76
C LEU B 172 -31.27 -10.31 -32.12
N ASN B 173 -32.00 -9.48 -32.84
CA ASN B 173 -31.56 -9.01 -34.16
C ASN B 173 -30.85 -7.66 -34.03
N GLU B 174 -29.61 -7.69 -33.53
CA GLU B 174 -28.84 -6.47 -33.34
C GLU B 174 -28.39 -5.91 -34.69
N ALA B 175 -28.27 -4.59 -34.75
CA ALA B 175 -27.79 -3.90 -35.94
C ALA B 175 -26.55 -3.09 -35.61
N GLU B 176 -25.80 -2.83 -36.65
CA GLU B 176 -24.60 -2.01 -36.62
C GLU B 176 -24.91 -0.65 -36.00
N GLY B 177 -24.01 -0.18 -35.13
CA GLY B 177 -24.17 1.11 -34.44
C GLY B 177 -24.62 0.99 -33.00
N THR B 178 -25.39 -0.05 -32.68
CA THR B 178 -25.87 -0.23 -31.32
C THR B 178 -24.70 -0.45 -30.34
N GLU B 179 -23.69 -1.19 -30.78
CA GLU B 179 -22.45 -1.35 -30.04
C GLU B 179 -21.30 -0.82 -30.87
N THR B 180 -20.63 0.21 -30.37
CA THR B 180 -19.43 0.77 -30.99
C THR B 180 -18.33 0.82 -29.94
N GLN B 181 -17.13 1.23 -30.34
CA GLN B 181 -16.00 1.31 -29.41
C GLN B 181 -15.47 2.73 -29.41
N SER B 182 -15.27 3.27 -28.22
CA SER B 182 -14.93 4.67 -28.00
C SER B 182 -13.77 4.82 -27.05
N LEU B 183 -13.11 5.98 -27.11
CA LEU B 183 -11.96 6.32 -26.28
C LEU B 183 -12.24 7.42 -25.26
N ALA B 184 -11.63 7.27 -24.10
CA ALA B 184 -11.52 8.35 -23.12
C ALA B 184 -10.16 8.25 -22.45
N TYR B 185 -9.66 9.37 -21.92
CA TYR B 185 -8.35 9.38 -21.27
C TYR B 185 -8.43 10.10 -19.93
N THR B 186 -7.49 9.81 -19.05
CA THR B 186 -7.45 10.42 -17.72
C THR B 186 -6.18 11.22 -17.52
N THR B 187 -6.34 12.45 -17.04
CA THR B 187 -5.22 13.31 -16.67
C THR B 187 -4.98 13.32 -15.17
N ASP B 188 -5.75 12.55 -14.41
CA ASP B 188 -5.68 12.55 -12.94
C ASP B 188 -5.69 11.13 -12.37
N ASP B 189 -5.05 10.22 -13.09
CA ASP B 189 -4.83 8.84 -12.63
C ASP B 189 -6.12 8.10 -12.28
N GLY B 190 -7.17 8.34 -13.05
CA GLY B 190 -8.43 7.61 -12.92
C GLY B 190 -9.50 8.27 -12.07
N ALA B 191 -9.23 9.45 -11.50
CA ALA B 191 -10.29 10.16 -10.78
C ALA B 191 -11.39 10.61 -11.74
N SER B 192 -11.01 10.93 -12.98
CA SER B 192 -11.99 11.31 -14.01
C SER B 192 -11.46 10.90 -15.38
N TRP B 193 -12.36 10.82 -16.35
CA TRP B 193 -12.01 10.50 -17.73
C TRP B 193 -12.65 11.52 -18.66
N ILE B 194 -11.91 11.88 -19.72
CA ILE B 194 -12.38 12.79 -20.75
C ILE B 194 -12.55 11.99 -22.03
N LYS B 195 -13.77 11.96 -22.54
CA LYS B 195 -14.07 11.28 -23.79
C LYS B 195 -13.62 12.14 -24.95
N LEU B 196 -13.15 11.50 -26.02
CA LEU B 196 -13.01 12.23 -27.29
C LEU B 196 -14.38 12.74 -27.72
N GLY B 197 -14.40 13.78 -28.55
CA GLY B 197 -15.64 14.32 -29.06
C GLY B 197 -16.41 13.32 -29.92
N TYR B 198 -17.72 13.53 -30.05
CA TYR B 198 -18.52 12.75 -30.98
C TYR B 198 -18.33 13.28 -32.39
N GLY B 199 -17.99 12.40 -33.33
CA GLY B 199 -18.02 12.80 -34.74
C GLY B 199 -17.02 12.10 -35.63
N ALA B 200 -16.95 12.57 -36.87
CA ALA B 200 -16.05 12.02 -37.87
C ALA B 200 -14.61 12.19 -37.42
N GLY B 201 -13.86 11.08 -37.41
CA GLY B 201 -12.46 11.10 -36.99
C GLY B 201 -12.26 11.18 -35.49
N GLN B 202 -13.36 11.04 -34.73
CA GLN B 202 -13.32 11.08 -33.27
C GLN B 202 -14.16 9.89 -32.78
N ASN B 203 -14.85 10.01 -31.64
CA ASN B 203 -15.69 8.92 -31.14
C ASN B 203 -16.99 8.74 -31.92
N PRO B 204 -17.47 7.50 -32.06
CA PRO B 204 -16.74 6.27 -31.70
C PRO B 204 -15.68 5.96 -32.74
N VAL B 205 -14.60 5.32 -32.33
CA VAL B 205 -13.47 5.06 -33.22
C VAL B 205 -13.57 3.73 -33.99
N ILE B 206 -14.34 2.77 -33.47
CA ILE B 206 -14.63 1.53 -34.18
C ILE B 206 -16.14 1.35 -34.17
N TYR B 207 -16.74 1.31 -35.36
CA TYR B 207 -18.19 1.23 -35.52
C TYR B 207 -18.67 0.28 -36.62
N GLU B 208 -17.87 0.08 -37.66
CA GLU B 208 -18.20 -0.86 -38.73
C GLU B 208 -18.06 -2.28 -38.27
N TRP B 209 -19.10 -3.07 -38.46
CA TRP B 209 -19.05 -4.50 -38.21
C TRP B 209 -18.08 -5.18 -39.19
N PRO B 210 -17.16 -6.01 -38.70
CA PRO B 210 -16.24 -6.72 -39.59
C PRO B 210 -16.90 -7.81 -40.46
N GLU B 211 -18.02 -8.36 -40.00
CA GLU B 211 -18.79 -9.36 -40.75
C GLU B 211 -20.26 -9.07 -40.47
N THR B 212 -21.17 -9.55 -41.32
CA THR B 212 -22.60 -9.31 -41.10
C THR B 212 -23.20 -10.22 -40.04
N ASN B 213 -24.39 -9.87 -39.58
CA ASN B 213 -25.19 -10.70 -38.66
C ASN B 213 -24.45 -11.12 -37.39
N LEU B 214 -23.75 -10.17 -36.78
CA LEU B 214 -23.07 -10.43 -35.52
C LEU B 214 -24.05 -10.67 -34.39
N THR B 215 -23.69 -11.59 -33.51
CA THR B 215 -24.39 -11.83 -32.27
C THR B 215 -23.96 -10.81 -31.20
N GLY B 216 -22.80 -10.20 -31.37
CA GLY B 216 -22.27 -9.22 -30.41
C GLY B 216 -21.03 -8.56 -30.95
N PHE B 217 -20.65 -7.41 -30.38
CA PHE B 217 -19.52 -6.64 -30.89
C PHE B 217 -19.06 -5.72 -29.76
N ARG B 218 -18.37 -6.31 -28.78
CA ARG B 218 -18.06 -5.60 -27.55
C ARG B 218 -16.84 -6.11 -26.82
N ASP B 219 -16.49 -5.37 -25.76
CA ASP B 219 -15.47 -5.76 -24.78
C ASP B 219 -14.07 -5.71 -25.40
N PRO B 220 -13.68 -4.53 -25.92
CA PRO B 220 -12.38 -4.40 -26.58
C PRO B 220 -11.24 -4.62 -25.58
N TYR B 221 -10.32 -5.51 -25.93
CA TYR B 221 -9.19 -5.83 -25.07
C TYR B 221 -7.93 -5.41 -25.79
N VAL B 222 -7.30 -4.35 -25.29
CA VAL B 222 -6.13 -3.78 -25.93
C VAL B 222 -4.88 -4.35 -25.26
N PHE B 223 -3.91 -4.75 -26.07
CA PHE B 223 -2.69 -5.36 -25.53
C PHE B 223 -1.53 -5.18 -26.51
N GLN B 224 -0.32 -5.12 -25.96
CA GLN B 224 0.89 -5.13 -26.76
C GLN B 224 1.34 -6.57 -26.87
N SER B 225 2.02 -6.89 -27.96
CA SER B 225 2.43 -8.26 -28.22
C SER B 225 3.62 -8.32 -29.16
N PRO B 226 4.84 -8.36 -28.61
CA PRO B 226 6.03 -8.66 -29.40
C PRO B 226 5.86 -9.94 -30.24
N ARG B 227 5.18 -10.94 -29.67
CA ARG B 227 4.84 -12.19 -30.37
C ARG B 227 4.06 -11.94 -31.67
N LEU B 228 2.92 -11.26 -31.57
CA LEU B 228 2.10 -10.98 -32.75
C LEU B 228 2.79 -10.04 -33.73
N GLU B 229 3.54 -9.06 -33.22
CA GLU B 229 4.30 -8.16 -34.09
C GLU B 229 5.33 -8.94 -34.94
N ALA B 230 6.06 -9.86 -34.30
CA ALA B 230 7.04 -10.70 -35.03
C ALA B 230 6.37 -11.56 -36.09
N LEU B 231 5.23 -12.15 -35.74
CA LEU B 231 4.47 -12.99 -36.69
C LEU B 231 3.93 -12.21 -37.90
N LEU B 232 3.52 -10.97 -37.68
CA LEU B 232 2.92 -10.14 -38.73
C LEU B 232 3.92 -9.27 -39.50
N ALA B 233 5.17 -9.19 -39.02
CA ALA B 233 6.16 -8.25 -39.57
C ALA B 233 6.37 -8.37 -41.08
N ASN B 234 6.33 -9.59 -41.61
CA ASN B 234 6.50 -9.80 -43.06
C ASN B 234 5.25 -9.55 -43.91
N THR B 235 4.11 -9.25 -43.29
CA THR B 235 2.84 -9.01 -43.98
C THR B 235 2.30 -7.58 -43.88
N THR B 236 3.03 -6.67 -43.22
CA THR B 236 2.51 -5.33 -42.98
C THR B 236 2.27 -4.51 -44.25
N SER B 237 2.92 -4.86 -45.36
CA SER B 237 2.57 -4.27 -46.68
C SER B 237 1.16 -4.59 -47.15
N ILE B 238 0.62 -5.74 -46.76
CA ILE B 238 -0.72 -6.14 -47.18
C ILE B 238 -1.80 -5.28 -46.50
N THR B 239 -1.63 -5.00 -45.21
CA THR B 239 -2.62 -4.29 -44.40
C THR B 239 -2.27 -2.84 -44.06
N ASN B 240 -0.99 -2.50 -44.12
CA ASN B 240 -0.45 -1.21 -43.64
C ASN B 240 -0.62 -0.92 -42.14
N ALA B 241 -1.01 -1.93 -41.36
CA ALA B 241 -1.20 -1.77 -39.91
C ALA B 241 0.12 -2.12 -39.24
N THR B 242 0.75 -1.12 -38.63
CA THR B 242 2.08 -1.28 -38.03
C THR B 242 2.18 -0.83 -36.57
N GLY B 243 1.05 -0.53 -35.93
CA GLY B 243 1.07 -0.07 -34.55
C GLY B 243 1.49 -1.13 -33.56
N ASP B 244 1.83 -0.69 -32.36
CA ASP B 244 2.29 -1.59 -31.29
C ASP B 244 1.18 -2.05 -30.34
N HIS B 245 -0.07 -1.67 -30.60
CA HIS B 245 -1.21 -2.17 -29.85
C HIS B 245 -2.13 -2.99 -30.73
N PHE B 246 -2.56 -4.12 -30.20
CA PHE B 246 -3.61 -4.93 -30.80
C PHE B 246 -4.87 -4.79 -29.96
N ALA B 247 -6.02 -5.05 -30.56
CA ALA B 247 -7.28 -5.10 -29.82
C ALA B 247 -8.15 -6.22 -30.34
N THR B 248 -8.68 -7.02 -29.42
CA THR B 248 -9.72 -7.97 -29.77
C THR B 248 -11.08 -7.40 -29.42
N ILE B 249 -12.08 -7.77 -30.21
CA ILE B 249 -13.47 -7.47 -29.91
C ILE B 249 -14.24 -8.79 -29.92
N SER B 250 -15.02 -8.99 -28.86
CA SER B 250 -15.73 -10.25 -28.61
C SER B 250 -17.10 -10.26 -29.27
N GLY B 251 -17.43 -11.37 -29.91
CA GLY B 251 -18.70 -11.50 -30.57
C GLY B 251 -18.97 -12.88 -31.11
N GLY B 252 -19.56 -12.92 -32.30
CA GLY B 252 -19.96 -14.17 -32.95
C GLY B 252 -20.82 -13.85 -34.15
N VAL B 253 -21.29 -14.91 -34.82
CA VAL B 253 -22.12 -14.76 -36.02
C VAL B 253 -23.37 -15.61 -35.83
N HIS B 254 -24.53 -15.04 -36.12
CA HIS B 254 -25.82 -15.71 -35.88
C HIS B 254 -25.84 -17.08 -36.56
N GLY B 255 -26.19 -18.09 -35.76
CA GLY B 255 -26.24 -19.47 -36.23
C GLY B 255 -24.93 -20.18 -36.47
N ASP B 256 -23.79 -19.48 -36.34
CA ASP B 256 -22.50 -20.04 -36.74
C ASP B 256 -21.38 -19.93 -35.69
N GLY B 257 -21.76 -19.71 -34.43
CA GLY B 257 -20.81 -19.73 -33.31
C GLY B 257 -20.11 -18.41 -33.01
N ALA B 258 -19.29 -18.46 -31.98
CA ALA B 258 -18.59 -17.29 -31.46
C ALA B 258 -17.38 -16.91 -32.30
N ARG B 259 -16.96 -15.65 -32.14
CA ARG B 259 -15.81 -15.09 -32.84
C ARG B 259 -15.09 -14.13 -31.92
N LEU B 260 -13.76 -14.15 -31.97
CA LEU B 260 -12.94 -13.10 -31.39
C LEU B 260 -12.24 -12.42 -32.55
N PHE B 261 -12.57 -11.14 -32.77
CA PHE B 261 -12.06 -10.38 -33.90
C PHE B 261 -10.79 -9.63 -33.52
N LEU B 262 -9.75 -9.73 -34.35
CA LEU B 262 -8.47 -9.06 -34.06
C LEU B 262 -8.29 -7.81 -34.92
N TYR B 263 -8.00 -6.71 -34.23
CA TYR B 263 -7.64 -5.44 -34.83
C TYR B 263 -6.23 -5.12 -34.45
N ARG B 264 -5.57 -4.32 -35.29
CA ARG B 264 -4.28 -3.76 -34.96
C ARG B 264 -4.33 -2.26 -35.17
N GLN B 265 -3.82 -1.54 -34.17
CA GLN B 265 -3.59 -0.11 -34.26
C GLN B 265 -2.84 0.17 -35.55
N HIS B 266 -3.37 1.08 -36.36
CA HIS B 266 -2.82 1.29 -37.69
C HIS B 266 -1.42 1.90 -37.62
N THR B 267 -1.24 2.90 -36.76
CA THR B 267 0.03 3.61 -36.64
C THR B 267 0.37 3.84 -35.18
N THR B 268 1.63 3.54 -34.81
CA THR B 268 2.13 3.77 -33.46
C THR B 268 1.94 5.23 -33.05
N GLY B 269 1.52 5.44 -31.80
CA GLY B 269 1.28 6.78 -31.28
C GLY B 269 0.00 7.45 -31.76
N GLU B 270 -0.83 6.76 -32.54
CA GLU B 270 -2.10 7.32 -33.05
C GLU B 270 -3.21 6.34 -32.71
N PHE B 271 -4.31 6.84 -32.15
CA PHE B 271 -5.31 5.97 -31.48
C PHE B 271 -6.71 5.97 -32.09
N ILE B 272 -6.88 6.70 -33.19
CA ILE B 272 -8.17 6.79 -33.87
C ILE B 272 -8.37 5.60 -34.80
N LYS B 273 -7.35 5.26 -35.60
CA LYS B 273 -7.50 4.25 -36.64
C LYS B 273 -7.05 2.85 -36.18
N TRP B 274 -7.99 1.91 -36.19
CA TRP B 274 -7.74 0.50 -35.87
C TRP B 274 -8.13 -0.32 -37.09
N THR B 275 -7.23 -1.19 -37.54
CA THR B 275 -7.43 -1.95 -38.76
C THR B 275 -7.83 -3.37 -38.42
N TYR B 276 -8.97 -3.81 -38.93
CA TYR B 276 -9.44 -5.17 -38.75
C TYR B 276 -8.54 -6.11 -39.56
N LEU B 277 -7.93 -7.08 -38.89
CA LEU B 277 -7.09 -8.07 -39.56
C LEU B 277 -7.91 -9.29 -39.95
N GLY B 278 -8.60 -9.86 -38.98
CA GLY B 278 -9.41 -11.04 -39.22
C GLY B 278 -9.85 -11.69 -37.93
N PRO B 279 -10.63 -12.78 -38.02
CA PRO B 279 -11.00 -13.53 -36.82
C PRO B 279 -9.79 -14.23 -36.21
N LEU B 280 -9.61 -14.06 -34.90
CA LEU B 280 -8.51 -14.68 -34.17
C LEU B 280 -8.94 -16.05 -33.69
N VAL B 281 -10.12 -16.12 -33.05
CA VAL B 281 -10.70 -17.37 -32.58
C VAL B 281 -12.07 -17.55 -33.21
N THR B 282 -12.27 -18.73 -33.79
CA THR B 282 -13.53 -19.10 -34.42
C THR B 282 -13.93 -20.45 -33.83
N THR B 283 -15.09 -20.51 -33.22
CA THR B 283 -15.64 -21.76 -32.69
C THR B 283 -17.03 -21.96 -33.24
N GLY B 284 -17.52 -23.19 -33.11
CA GLY B 284 -18.80 -23.60 -33.68
C GLY B 284 -19.97 -23.33 -32.76
N TYR B 285 -21.16 -23.29 -33.34
CA TYR B 285 -22.40 -23.08 -32.61
C TYR B 285 -22.60 -24.15 -31.54
N LYS B 286 -22.50 -23.75 -30.28
CA LYS B 286 -22.54 -24.66 -29.12
C LYS B 286 -21.56 -25.84 -29.19
N GLU B 287 -20.41 -25.63 -29.83
CA GLU B 287 -19.32 -26.60 -29.86
C GLU B 287 -18.78 -26.79 -28.45
N SER B 288 -18.47 -28.04 -28.08
CA SER B 288 -17.74 -28.33 -26.85
C SER B 288 -16.47 -29.08 -27.17
N TYR B 289 -15.37 -28.66 -26.56
CA TYR B 289 -14.11 -29.39 -26.61
C TYR B 289 -14.16 -30.63 -25.72
N GLY B 290 -15.11 -30.68 -24.79
CA GLY B 290 -15.33 -31.87 -23.95
C GLY B 290 -15.62 -31.55 -22.49
N GLU B 291 -15.62 -32.61 -21.69
CA GLU B 291 -16.02 -32.57 -20.28
C GLU B 291 -15.17 -31.64 -19.39
N TRP B 292 -13.94 -31.41 -19.81
CA TRP B 292 -12.98 -30.56 -19.07
C TRP B 292 -12.97 -29.11 -19.56
N SER B 293 -13.83 -28.76 -20.52
CA SER B 293 -13.68 -27.55 -21.30
C SER B 293 -14.93 -26.69 -21.45
N GLY B 294 -15.98 -26.98 -20.69
CA GLY B 294 -17.25 -26.29 -20.83
C GLY B 294 -17.82 -26.38 -22.24
N ASN B 295 -18.36 -25.27 -22.73
CA ASN B 295 -19.01 -25.21 -24.04
C ASN B 295 -18.80 -23.81 -24.63
N TYR B 296 -18.51 -23.75 -25.93
CA TYR B 296 -18.18 -22.48 -26.57
C TYR B 296 -19.40 -21.60 -26.89
N GLY B 297 -20.61 -22.08 -26.62
CA GLY B 297 -21.83 -21.27 -26.73
C GLY B 297 -22.05 -20.69 -28.11
N ILE B 298 -22.64 -19.49 -28.15
CA ILE B 298 -22.98 -18.83 -29.42
C ILE B 298 -22.29 -17.48 -29.62
N ASN B 299 -21.63 -16.97 -28.60
CA ASN B 299 -21.13 -15.60 -28.59
C ASN B 299 -20.10 -15.50 -27.47
N PHE B 300 -18.99 -14.81 -27.74
CA PHE B 300 -17.98 -14.54 -26.72
C PHE B 300 -18.22 -13.19 -26.05
N GLU B 301 -17.83 -13.12 -24.78
CA GLU B 301 -17.84 -11.88 -24.00
C GLU B 301 -16.56 -11.78 -23.19
N THR B 302 -16.14 -10.54 -22.95
CA THR B 302 -14.96 -10.20 -22.15
C THR B 302 -13.70 -11.01 -22.46
N ALA B 303 -13.42 -11.25 -23.74
CA ALA B 303 -12.27 -12.05 -24.13
C ALA B 303 -10.98 -11.23 -24.05
N GLY B 304 -9.89 -11.89 -23.66
CA GLY B 304 -8.56 -11.28 -23.64
C GLY B 304 -7.49 -12.24 -24.16
N VAL B 305 -6.32 -11.70 -24.44
CA VAL B 305 -5.20 -12.43 -25.00
C VAL B 305 -3.99 -12.15 -24.14
N THR B 306 -3.27 -13.20 -23.77
CA THR B 306 -2.03 -13.05 -23.01
C THR B 306 -0.99 -14.09 -23.46
N ARG B 307 0.21 -13.98 -22.90
CA ARG B 307 1.29 -14.93 -23.18
C ARG B 307 2.00 -15.12 -21.85
N LEU B 308 2.17 -16.39 -21.45
CA LEU B 308 2.66 -16.73 -20.14
C LEU B 308 3.80 -17.72 -20.25
N ASN B 309 4.63 -17.76 -19.22
CA ASN B 309 5.63 -18.82 -19.04
C ASN B 309 5.54 -19.32 -17.60
N PRO B 310 6.39 -20.29 -17.18
CA PRO B 310 6.19 -20.80 -15.83
C PRO B 310 6.24 -19.77 -14.70
N ALA B 311 6.98 -18.67 -14.87
CA ALA B 311 7.10 -17.62 -13.85
C ALA B 311 5.95 -16.60 -13.83
N GLY B 312 5.20 -16.47 -14.92
CA GLY B 312 4.16 -15.43 -15.02
C GLY B 312 3.95 -14.98 -16.45
N ALA B 313 3.96 -13.66 -16.66
CA ALA B 313 3.78 -13.08 -17.99
C ALA B 313 5.08 -13.19 -18.80
N ALA B 314 4.93 -13.47 -20.08
CA ALA B 314 6.05 -13.57 -21.00
C ALA B 314 5.89 -12.51 -22.08
N TRP B 315 6.93 -11.71 -22.29
CA TRP B 315 6.90 -10.65 -23.29
C TRP B 315 7.89 -10.88 -24.44
N ASP B 316 8.31 -12.13 -24.63
CA ASP B 316 9.21 -12.51 -25.73
C ASP B 316 8.47 -12.52 -27.06
N ASN B 317 9.23 -12.52 -28.15
CA ASN B 317 8.67 -12.56 -29.52
C ASN B 317 8.35 -13.97 -30.06
N GLY B 318 8.44 -15.00 -29.23
CA GLY B 318 8.37 -16.38 -29.67
C GLY B 318 9.63 -17.18 -29.33
N SER B 319 10.72 -16.47 -29.01
CA SER B 319 12.01 -17.10 -28.69
C SER B 319 12.03 -17.91 -27.38
N ASP B 320 11.14 -17.60 -26.44
CA ASP B 320 11.02 -18.38 -25.20
C ASP B 320 10.21 -19.63 -25.49
N THR B 321 10.89 -20.78 -25.54
CA THR B 321 10.24 -22.07 -25.79
C THR B 321 9.36 -22.54 -24.65
N THR B 322 9.50 -21.93 -23.45
CA THR B 322 8.64 -22.26 -22.31
C THR B 322 7.35 -21.44 -22.26
N ALA B 323 7.22 -20.45 -23.15
CA ALA B 323 6.04 -19.57 -23.15
C ALA B 323 4.90 -20.17 -23.97
N VAL B 324 3.67 -19.86 -23.55
CA VAL B 324 2.46 -20.34 -24.20
C VAL B 324 1.52 -19.16 -24.40
N ASP B 325 0.87 -19.11 -25.56
CA ASP B 325 -0.14 -18.10 -25.85
C ASP B 325 -1.49 -18.57 -25.37
N PHE B 326 -2.22 -17.70 -24.67
CA PHE B 326 -3.53 -18.03 -24.12
C PHE B 326 -4.55 -17.00 -24.52
N VAL B 327 -5.79 -17.44 -24.71
CA VAL B 327 -6.96 -16.57 -24.81
C VAL B 327 -7.88 -16.94 -23.66
N THR B 328 -8.41 -15.95 -22.96
CA THR B 328 -9.45 -16.17 -21.95
C THR B 328 -10.70 -15.53 -22.49
N PHE B 329 -11.85 -16.15 -22.23
CA PHE B 329 -13.11 -15.69 -22.84
C PHE B 329 -14.31 -16.28 -22.14
N GLY B 330 -15.37 -15.47 -22.04
CA GLY B 330 -16.68 -15.94 -21.59
C GLY B 330 -17.48 -16.38 -22.80
N THR B 331 -18.32 -17.39 -22.61
CA THR B 331 -19.27 -17.79 -23.65
C THR B 331 -20.65 -17.77 -23.08
N GLU B 332 -21.63 -17.49 -23.93
CA GLU B 332 -23.01 -17.50 -23.51
C GLU B 332 -23.88 -18.46 -24.34
N GLN B 333 -24.94 -18.91 -23.70
CA GLN B 333 -25.96 -19.81 -24.28
C GLN B 333 -25.42 -21.20 -24.63
N GLY B 334 -24.36 -21.63 -23.95
CA GLY B 334 -23.86 -23.01 -24.04
C GLY B 334 -23.92 -23.73 -22.72
N ARG B 335 -24.80 -23.29 -21.82
CA ARG B 335 -24.89 -23.86 -20.48
C ARG B 335 -26.31 -23.77 -19.96
N ALA B 336 -26.78 -24.84 -19.33
CA ALA B 336 -28.17 -24.94 -18.86
C ALA B 336 -28.45 -24.15 -17.59
N ASP B 337 -27.39 -23.74 -16.89
CA ASP B 337 -27.51 -23.03 -15.62
C ASP B 337 -26.32 -22.05 -15.53
N HIS B 338 -26.04 -21.52 -14.35
CA HIS B 338 -24.99 -20.50 -14.18
C HIS B 338 -25.18 -19.33 -15.15
N GLN B 339 -26.43 -18.88 -15.25
CA GLN B 339 -26.82 -17.77 -16.11
C GLN B 339 -26.37 -17.96 -17.56
N ASN B 340 -26.38 -19.22 -18.00
CA ASN B 340 -25.95 -19.62 -19.34
C ASN B 340 -24.51 -19.23 -19.71
N HIS B 341 -23.64 -19.11 -18.71
CA HIS B 341 -22.31 -18.52 -18.88
C HIS B 341 -21.15 -19.42 -18.47
N TRP B 342 -20.18 -19.59 -19.37
CA TRP B 342 -18.92 -20.29 -19.07
C TRP B 342 -17.76 -19.31 -19.15
N PRO B 343 -16.97 -19.18 -18.06
CA PRO B 343 -15.69 -18.47 -18.17
C PRO B 343 -14.57 -19.45 -18.51
N LEU B 344 -14.07 -19.36 -19.74
CA LEU B 344 -13.15 -20.34 -20.29
C LEU B 344 -11.78 -19.76 -20.60
N TRP B 345 -10.86 -20.64 -20.96
CA TRP B 345 -9.57 -20.26 -21.51
C TRP B 345 -9.10 -21.32 -22.49
N ALA B 346 -8.19 -20.93 -23.38
CA ALA B 346 -7.59 -21.87 -24.32
C ALA B 346 -6.13 -21.52 -24.56
N ALA B 347 -5.29 -22.55 -24.62
CA ALA B 347 -3.94 -22.40 -25.13
C ALA B 347 -4.07 -22.46 -26.65
N VAL B 348 -3.33 -21.59 -27.34
CA VAL B 348 -3.47 -21.45 -28.78
C VAL B 348 -2.12 -21.44 -29.46
N ASP B 349 -2.08 -21.93 -30.70
CA ASP B 349 -0.92 -21.83 -31.56
C ASP B 349 -1.30 -20.91 -32.72
N TYR B 350 -0.56 -19.80 -32.85
CA TYR B 350 -0.87 -18.80 -33.86
C TYR B 350 -0.35 -19.22 -35.23
N GLU B 351 -1.18 -19.05 -36.25
CA GLU B 351 -0.79 -19.21 -37.66
C GLU B 351 -1.05 -17.90 -38.39
N VAL B 352 -0.14 -17.52 -39.28
CA VAL B 352 -0.28 -16.30 -40.07
C VAL B 352 -1.02 -16.61 -41.37
N ARG B 353 -2.11 -15.90 -41.62
CA ARG B 353 -2.89 -16.06 -42.85
C ARG B 353 -2.25 -15.24 -43.97
N ASP B 354 -2.57 -15.60 -45.21
CA ASP B 354 -2.03 -14.91 -46.39
C ASP B 354 -2.42 -13.42 -46.45
N ASN B 355 -3.59 -13.08 -45.93
CA ASN B 355 -4.05 -11.67 -45.89
C ASN B 355 -3.49 -10.82 -44.72
N GLY B 356 -2.47 -11.32 -44.02
CA GLY B 356 -1.83 -10.57 -42.94
C GLY B 356 -2.64 -10.53 -41.65
N SER B 357 -3.34 -11.63 -41.35
CA SER B 357 -4.09 -11.80 -40.11
C SER B 357 -3.58 -13.05 -39.39
N ILE B 358 -4.14 -13.33 -38.21
CA ILE B 358 -3.68 -14.41 -37.35
C ILE B 358 -4.83 -15.34 -37.02
N GLU B 359 -4.64 -16.64 -37.21
CA GLU B 359 -5.56 -17.65 -36.72
C GLU B 359 -4.97 -18.24 -35.45
N ALA B 360 -5.72 -18.15 -34.35
CA ALA B 360 -5.35 -18.78 -33.08
C ALA B 360 -5.98 -20.16 -33.05
N VAL B 361 -5.17 -21.19 -33.31
CA VAL B 361 -5.67 -22.56 -33.36
C VAL B 361 -5.62 -23.13 -31.95
N ILE B 362 -6.76 -23.58 -31.43
CA ILE B 362 -6.86 -24.04 -30.05
C ILE B 362 -6.10 -25.37 -29.89
N ALA B 363 -5.13 -25.39 -28.97
CA ALA B 363 -4.29 -26.56 -28.69
C ALA B 363 -4.84 -27.39 -27.53
N TYR B 364 -5.33 -26.70 -26.50
CA TYR B 364 -6.14 -27.29 -25.44
C TYR B 364 -6.97 -26.21 -24.79
N SER B 365 -7.99 -26.60 -24.04
CA SER B 365 -9.06 -25.68 -23.66
C SER B 365 -9.61 -26.05 -22.31
N GLY B 366 -9.71 -25.05 -21.42
CA GLY B 366 -10.15 -25.26 -20.07
C GLY B 366 -11.15 -24.24 -19.54
N VAL B 367 -11.31 -24.26 -18.23
CA VAL B 367 -12.30 -23.48 -17.52
C VAL B 367 -11.56 -22.65 -16.50
N GLN B 368 -11.82 -21.34 -16.49
CA GLN B 368 -11.13 -20.44 -15.57
C GLN B 368 -11.73 -20.53 -14.16
N ASP B 369 -13.04 -20.76 -14.07
CA ASP B 369 -13.73 -20.97 -12.80
C ASP B 369 -14.99 -21.76 -13.09
N TRP B 370 -15.27 -22.77 -12.27
CA TRP B 370 -16.38 -23.69 -12.52
C TRP B 370 -17.70 -23.29 -11.85
N GLY B 371 -17.70 -22.20 -11.10
CA GLY B 371 -18.87 -21.82 -10.33
C GLY B 371 -19.56 -20.56 -10.82
N ARG B 372 -20.14 -19.82 -9.88
CA ARG B 372 -20.96 -18.64 -10.17
C ARG B 372 -20.10 -17.40 -10.38
N SER B 373 -19.20 -17.47 -11.37
CA SER B 373 -18.38 -16.33 -11.75
C SER B 373 -18.24 -16.26 -13.26
N TYR B 374 -17.87 -15.07 -13.74
CA TYR B 374 -17.87 -14.76 -15.17
C TYR B 374 -17.15 -13.44 -15.36
N ALA B 375 -16.90 -13.07 -16.61
CA ALA B 375 -16.36 -11.77 -16.96
C ALA B 375 -14.95 -11.57 -16.42
N TYR B 376 -14.10 -12.57 -16.59
CA TYR B 376 -12.71 -12.46 -16.18
C TYR B 376 -11.96 -11.52 -17.09
N ALA B 377 -11.19 -10.63 -16.46
CA ALA B 377 -10.27 -9.72 -17.15
C ALA B 377 -8.87 -10.00 -16.62
N SER B 378 -7.86 -9.92 -17.49
CA SER B 378 -6.46 -9.99 -17.04
C SER B 378 -5.71 -8.75 -17.49
N PHE B 379 -4.69 -8.40 -16.71
CA PHE B 379 -3.90 -7.19 -16.98
C PHE B 379 -2.45 -7.37 -16.50
N PRO B 380 -1.52 -6.68 -17.16
CA PRO B 380 -0.11 -6.82 -16.78
C PRO B 380 0.25 -6.09 -15.49
N VAL B 381 1.11 -6.70 -14.69
CA VAL B 381 1.57 -6.13 -13.43
C VAL B 381 3.10 -6.27 -13.40
N GLU B 382 3.78 -5.26 -12.86
CA GLU B 382 5.24 -5.21 -12.87
C GLU B 382 5.83 -6.44 -12.23
N GLY B 383 7.03 -6.82 -12.67
CA GLY B 383 7.67 -8.07 -12.24
C GLY B 383 7.19 -9.26 -13.07
N TYR B 384 6.82 -9.00 -14.32
CA TYR B 384 6.46 -10.05 -15.27
C TYR B 384 5.27 -10.89 -14.78
N ARG B 385 4.19 -10.21 -14.40
CA ARG B 385 2.97 -10.86 -13.94
C ARG B 385 1.80 -10.49 -14.85
N GLN B 386 0.86 -11.42 -14.95
CA GLN B 386 -0.44 -11.18 -15.56
C GLN B 386 -1.45 -11.60 -14.52
N VAL B 387 -2.31 -10.66 -14.12
CA VAL B 387 -3.22 -10.87 -13.01
C VAL B 387 -4.64 -10.86 -13.54
N SER B 388 -5.44 -11.81 -13.06
CA SER B 388 -6.79 -12.03 -13.56
C SER B 388 -7.78 -11.90 -12.40
N VAL B 389 -8.95 -11.32 -12.69
CA VAL B 389 -10.01 -11.16 -11.71
C VAL B 389 -11.35 -11.23 -12.42
N GLY B 390 -12.34 -11.80 -11.76
CA GLY B 390 -13.67 -11.94 -12.33
C GLY B 390 -14.74 -11.42 -11.40
N TRP B 391 -15.98 -11.66 -11.80
CA TRP B 391 -17.16 -11.21 -11.09
C TRP B 391 -17.91 -12.43 -10.58
N ILE B 392 -18.20 -12.45 -9.28
CA ILE B 392 -19.04 -13.48 -8.66
C ILE B 392 -20.44 -12.90 -8.48
N TYR B 393 -21.40 -13.47 -9.20
CA TYR B 393 -22.80 -13.05 -9.07
C TYR B 393 -23.41 -13.73 -7.85
N GLU B 394 -24.59 -13.27 -7.44
CA GLU B 394 -25.30 -13.85 -6.31
C GLU B 394 -25.96 -15.16 -6.75
N ASP B 395 -26.62 -15.85 -5.84
CA ASP B 395 -27.44 -17.02 -6.20
C ASP B 395 -28.88 -16.76 -5.78
N ASP B 396 -29.44 -15.71 -6.39
CA ASP B 396 -30.80 -15.26 -6.14
C ASP B 396 -31.38 -14.84 -7.50
N ASP B 397 -31.34 -15.77 -8.46
CA ASP B 397 -31.66 -15.46 -9.86
C ASP B 397 -33.12 -15.02 -10.09
N ASN B 398 -34.03 -15.37 -9.19
CA ASN B 398 -35.40 -14.86 -9.24
C ASN B 398 -35.60 -13.51 -8.56
N VAL B 399 -34.51 -12.92 -8.03
CA VAL B 399 -34.50 -11.56 -7.50
C VAL B 399 -35.47 -11.42 -6.32
N ILE B 400 -35.42 -12.39 -5.42
CA ILE B 400 -36.37 -12.49 -4.30
C ILE B 400 -35.93 -11.62 -3.11
N LEU B 401 -34.63 -11.57 -2.83
CA LEU B 401 -34.12 -10.80 -1.68
C LEU B 401 -33.08 -9.73 -2.07
N ALA B 402 -32.98 -9.43 -3.37
CA ALA B 402 -31.99 -8.46 -3.85
C ALA B 402 -32.21 -7.07 -3.26
N LYS B 403 -33.47 -6.61 -3.24
CA LYS B 403 -33.78 -5.31 -2.64
C LYS B 403 -33.43 -5.27 -1.15
N GLN B 404 -33.70 -6.38 -0.47
CA GLN B 404 -33.38 -6.49 0.95
C GLN B 404 -31.86 -6.47 1.18
N PHE B 405 -31.09 -7.08 0.28
CA PHE B 405 -29.62 -6.95 0.30
C PHE B 405 -29.22 -5.47 0.13
N GLY B 406 -29.79 -4.82 -0.89
CA GLY B 406 -29.38 -3.47 -1.26
C GLY B 406 -28.11 -3.43 -2.13
N TYR B 407 -27.68 -4.59 -2.61
CA TYR B 407 -26.53 -4.73 -3.50
C TYR B 407 -26.60 -6.08 -4.19
N GLN B 408 -25.84 -6.21 -5.27
CA GLN B 408 -25.60 -7.49 -5.95
C GLN B 408 -24.17 -7.51 -6.46
N GLY B 409 -23.48 -8.60 -6.18
CA GLY B 409 -22.22 -8.93 -6.85
C GLY B 409 -20.98 -8.60 -6.05
N ALA B 410 -19.90 -9.28 -6.39
CA ALA B 410 -18.55 -8.98 -5.87
C ALA B 410 -17.54 -9.42 -6.91
N PHE B 411 -16.27 -9.08 -6.70
CA PHE B 411 -15.20 -9.69 -7.47
C PHE B 411 -14.80 -11.03 -6.86
N THR B 412 -14.10 -11.82 -7.67
CA THR B 412 -13.26 -12.90 -7.16
C THR B 412 -12.05 -12.30 -6.47
N LEU B 413 -11.18 -13.14 -5.96
CA LEU B 413 -9.84 -12.70 -5.60
C LEU B 413 -9.02 -12.47 -6.86
N PHE B 414 -7.96 -11.69 -6.74
CA PHE B 414 -7.05 -11.43 -7.84
C PHE B 414 -6.07 -12.60 -7.93
N ARG B 415 -5.83 -13.05 -9.15
CA ARG B 415 -5.11 -14.30 -9.39
C ARG B 415 -3.94 -14.07 -10.32
N ASP B 416 -2.76 -14.50 -9.91
CA ASP B 416 -1.61 -14.56 -10.83
C ASP B 416 -1.83 -15.72 -11.79
N LEU B 417 -1.68 -15.43 -13.09
CA LEU B 417 -1.65 -16.45 -14.12
C LEU B 417 -0.20 -16.82 -14.42
N PHE B 418 0.00 -18.09 -14.75
CA PHE B 418 1.32 -18.62 -15.11
C PHE B 418 1.12 -19.95 -15.82
N VAL B 419 2.18 -20.46 -16.45
CA VAL B 419 2.13 -21.79 -17.05
C VAL B 419 2.46 -22.79 -15.95
N LYS B 420 1.50 -23.63 -15.59
CA LYS B 420 1.72 -24.69 -14.61
C LYS B 420 2.39 -25.86 -15.33
N VAL B 421 3.56 -26.27 -14.86
CA VAL B 421 4.31 -27.40 -15.43
C VAL B 421 4.44 -28.48 -14.36
N VAL B 422 4.00 -29.70 -14.64
CA VAL B 422 4.16 -30.83 -13.73
C VAL B 422 5.10 -31.83 -14.40
N GLU B 423 6.22 -32.12 -13.74
CA GLU B 423 7.21 -33.04 -14.28
C GLU B 423 7.05 -34.43 -13.73
N ASN B 424 7.62 -35.40 -14.44
CA ASN B 424 7.66 -36.80 -14.00
C ASN B 424 6.28 -37.37 -13.72
N VAL B 425 5.32 -37.06 -14.58
CA VAL B 425 3.96 -37.57 -14.44
C VAL B 425 3.93 -39.01 -14.97
N SER B 426 3.26 -39.87 -14.22
CA SER B 426 3.08 -41.29 -14.58
C SER B 426 2.14 -41.43 -15.78
N PRO B 427 2.57 -42.18 -16.81
CA PRO B 427 1.69 -42.48 -17.95
C PRO B 427 0.42 -43.25 -17.61
N SER B 428 0.35 -43.87 -16.44
CA SER B 428 -0.85 -44.56 -16.01
C SER B 428 -1.86 -43.66 -15.26
N THR B 429 -1.57 -42.36 -15.17
CA THR B 429 -2.56 -41.40 -14.68
C THR B 429 -3.82 -41.57 -15.54
N PRO B 430 -4.96 -41.92 -14.92
CA PRO B 430 -6.18 -42.12 -15.71
C PRO B 430 -6.55 -40.92 -16.58
N GLY B 431 -6.90 -41.18 -17.84
CA GLY B 431 -7.37 -40.14 -18.75
C GLY B 431 -6.36 -39.08 -19.19
N LEU B 432 -5.07 -39.34 -18.96
CA LEU B 432 -4.03 -38.32 -19.17
C LEU B 432 -3.91 -37.84 -20.63
N PHE B 433 -4.16 -38.75 -21.58
CA PHE B 433 -3.96 -38.47 -23.00
C PHE B 433 -5.25 -38.10 -23.75
N GLU B 434 -6.34 -37.92 -23.01
CA GLU B 434 -7.60 -37.37 -23.56
C GLU B 434 -7.60 -35.90 -23.88
N GLN B 435 -8.52 -35.50 -24.75
CA GLN B 435 -8.69 -34.11 -25.16
C GLN B 435 -9.34 -33.30 -24.05
N ALA B 436 -8.58 -32.38 -23.48
CA ALA B 436 -8.98 -31.72 -22.28
C ALA B 436 -8.17 -30.43 -22.17
N SER B 437 -7.71 -30.10 -20.97
CA SER B 437 -7.21 -28.77 -20.67
C SER B 437 -5.74 -28.73 -20.29
N TRP B 438 -4.95 -29.63 -20.88
CA TRP B 438 -3.49 -29.66 -20.65
C TRP B 438 -2.83 -30.27 -21.88
N SER B 439 -1.52 -30.09 -22.00
CA SER B 439 -0.74 -30.78 -23.04
C SER B 439 0.19 -31.76 -22.33
N THR B 440 0.58 -32.78 -23.07
CA THR B 440 1.51 -33.80 -22.59
C THR B 440 2.68 -33.87 -23.55
N LYS B 441 3.88 -33.98 -23.00
CA LYS B 441 5.08 -34.27 -23.77
C LYS B 441 5.72 -35.50 -23.14
N ASN B 442 5.81 -36.58 -23.92
CA ASN B 442 6.44 -37.83 -23.46
C ASN B 442 7.94 -37.66 -23.35
N SER B 443 8.53 -38.31 -22.34
CA SER B 443 9.98 -38.47 -22.27
C SER B 443 10.45 -39.33 -23.44
N THR B 444 11.72 -39.21 -23.81
CA THR B 444 12.29 -40.03 -24.88
C THR B 444 12.01 -41.53 -24.69
N ASP B 445 12.12 -42.02 -23.45
CA ASP B 445 11.90 -43.44 -23.14
C ASP B 445 10.44 -43.85 -22.90
N GLY B 446 9.51 -42.90 -22.95
CA GLY B 446 8.08 -43.18 -22.80
C GLY B 446 7.60 -43.53 -21.39
N MET B 447 8.49 -43.41 -20.39
CA MET B 447 8.18 -43.82 -19.02
C MET B 447 7.65 -42.68 -18.16
N SER B 448 7.82 -41.44 -18.61
CA SER B 448 7.25 -40.27 -17.92
C SER B 448 6.73 -39.24 -18.90
N VAL B 449 5.93 -38.32 -18.36
CA VAL B 449 5.29 -37.26 -19.13
C VAL B 449 5.48 -35.92 -18.41
N THR B 450 5.64 -34.85 -19.19
CA THR B 450 5.59 -33.48 -18.68
C THR B 450 4.21 -32.92 -19.03
N VAL B 451 3.47 -32.47 -18.01
CA VAL B 451 2.14 -31.89 -18.20
C VAL B 451 2.26 -30.36 -18.15
N THR B 452 1.62 -29.69 -19.10
CA THR B 452 1.55 -28.23 -19.12
C THR B 452 0.08 -27.80 -19.14
N THR B 453 -0.26 -26.81 -18.31
CA THR B 453 -1.61 -26.24 -18.31
C THR B 453 -1.57 -24.80 -17.79
N LEU B 454 -2.74 -24.17 -17.71
CA LEU B 454 -2.85 -22.84 -17.13
C LEU B 454 -2.83 -22.95 -15.62
N GLY B 455 -1.93 -22.21 -15.00
CA GLY B 455 -1.90 -22.10 -13.54
C GLY B 455 -2.62 -20.83 -13.09
N GLN B 456 -3.27 -20.91 -11.93
CA GLN B 456 -3.89 -19.77 -11.27
C GLN B 456 -3.64 -19.87 -9.78
N ARG B 457 -3.19 -18.79 -9.17
CA ARG B 457 -3.04 -18.75 -7.71
C ARG B 457 -3.38 -17.36 -7.23
N VAL B 458 -3.86 -17.26 -5.99
CA VAL B 458 -4.24 -15.98 -5.41
C VAL B 458 -2.94 -15.17 -5.29
N VAL B 459 -3.01 -13.90 -5.66
CA VAL B 459 -1.83 -13.03 -5.60
C VAL B 459 -1.21 -13.05 -4.20
N PRO B 460 0.14 -13.13 -4.11
CA PRO B 460 0.76 -13.31 -2.79
C PRO B 460 0.51 -12.17 -1.80
N GLU B 461 0.29 -10.96 -2.31
CA GLU B 461 -0.03 -9.81 -1.46
C GLU B 461 -1.27 -10.06 -0.63
N THR B 462 -2.27 -10.69 -1.22
CA THR B 462 -3.54 -10.98 -0.54
C THR B 462 -3.37 -12.09 0.50
N LEU B 463 -2.68 -13.17 0.12
CA LEU B 463 -2.42 -14.26 1.06
C LEU B 463 -1.63 -13.77 2.28
N ALA B 464 -0.59 -12.95 2.04
CA ALA B 464 0.21 -12.40 3.15
C ALA B 464 -0.60 -11.48 4.07
N ALA B 465 -1.41 -10.60 3.46
CA ALA B 465 -2.24 -9.69 4.25
C ALA B 465 -3.31 -10.46 5.03
N TYR B 466 -3.96 -11.41 4.37
CA TYR B 466 -4.96 -12.27 5.02
C TYR B 466 -4.37 -12.98 6.23
N LYS B 467 -3.25 -13.67 6.02
CA LYS B 467 -2.62 -14.45 7.10
C LYS B 467 -2.18 -13.54 8.25
N GLY B 468 -1.52 -12.44 7.92
CA GLY B 468 -1.00 -11.53 8.94
C GLY B 468 -2.04 -10.83 9.80
N ASN B 469 -3.24 -10.62 9.24
CA ASN B 469 -4.34 -9.99 9.96
C ASN B 469 -5.28 -10.99 10.64
N SER B 470 -5.10 -12.28 10.36
CA SER B 470 -5.96 -13.32 10.91
C SER B 470 -5.40 -13.92 12.20
N THR B 471 -6.28 -14.57 12.97
CA THR B 471 -5.85 -15.51 14.00
C THR B 471 -5.58 -16.83 13.29
N VAL B 472 -4.32 -17.22 13.23
CA VAL B 472 -3.88 -18.40 12.49
C VAL B 472 -3.82 -19.59 13.43
N SER B 473 -4.49 -20.68 13.06
CA SER B 473 -4.39 -21.95 13.78
C SER B 473 -3.78 -22.99 12.85
N THR B 474 -2.57 -23.44 13.18
CA THR B 474 -1.91 -24.52 12.45
C THR B 474 -2.38 -25.82 13.12
N LEU B 475 -3.04 -26.66 12.34
CA LEU B 475 -3.75 -27.83 12.88
C LEU B 475 -2.94 -29.09 12.67
N ALA B 476 -3.06 -30.03 13.60
CA ALA B 476 -2.35 -31.30 13.52
C ALA B 476 -2.86 -32.10 12.32
N PRO B 477 -1.97 -32.88 11.67
CA PRO B 477 -2.48 -33.74 10.59
C PRO B 477 -3.51 -34.76 11.09
N VAL B 478 -4.41 -35.16 10.20
CA VAL B 478 -5.51 -36.07 10.54
C VAL B 478 -5.53 -37.20 9.53
N MET B 479 -5.41 -38.43 10.03
CA MET B 479 -5.64 -39.63 9.21
C MET B 479 -7.12 -39.96 9.25
N LEU B 480 -7.74 -39.98 8.06
CA LEU B 480 -9.15 -40.33 7.92
C LEU B 480 -9.23 -41.80 7.55
N ASN B 481 -9.72 -42.61 8.50
CA ASN B 481 -9.78 -44.07 8.34
C ASN B 481 -11.14 -44.57 8.85
N GLU B 482 -11.21 -45.82 9.32
CA GLU B 482 -12.47 -46.39 9.84
C GLU B 482 -13.07 -45.62 11.02
N SER B 483 -12.23 -44.94 11.80
CA SER B 483 -12.69 -44.15 12.95
C SER B 483 -13.23 -42.75 12.59
N ALA B 484 -13.07 -42.32 11.34
CA ALA B 484 -13.48 -40.97 10.93
C ALA B 484 -14.99 -40.80 10.93
N ALA B 485 -15.48 -39.77 11.61
CA ALA B 485 -16.88 -39.36 11.49
C ALA B 485 -17.11 -38.75 10.10
N ALA B 486 -18.38 -38.61 9.72
CA ALA B 486 -18.73 -37.96 8.45
C ALA B 486 -18.18 -36.54 8.42
N TYR B 487 -18.38 -35.82 9.53
CA TYR B 487 -17.89 -34.47 9.72
C TYR B 487 -17.09 -34.39 11.02
N THR B 488 -15.87 -33.86 10.92
CA THR B 488 -15.00 -33.67 12.08
C THR B 488 -14.59 -32.19 12.15
N PRO B 489 -15.20 -31.43 13.09
CA PRO B 489 -14.82 -30.03 13.26
C PRO B 489 -13.33 -29.85 13.50
N PHE B 490 -12.76 -28.76 12.98
CA PHE B 490 -11.37 -28.45 13.27
C PHE B 490 -11.22 -28.19 14.76
N SER B 491 -10.02 -28.48 15.29
CA SER B 491 -9.71 -28.24 16.70
C SER B 491 -9.80 -26.77 17.12
N SER B 492 -9.61 -25.86 16.15
CA SER B 492 -9.92 -24.44 16.32
C SER B 492 -11.01 -24.06 15.33
N GLN B 493 -11.91 -23.16 15.74
CA GLN B 493 -13.06 -22.78 14.93
C GLN B 493 -13.02 -21.31 14.50
N PRO B 494 -13.64 -20.98 13.35
CA PRO B 494 -13.87 -19.59 12.99
C PRO B 494 -14.73 -18.86 14.02
N THR B 495 -14.66 -17.53 14.01
CA THR B 495 -15.50 -16.70 14.87
C THR B 495 -16.54 -15.91 14.10
N ASP B 496 -16.52 -16.02 12.76
CA ASP B 496 -17.44 -15.25 11.90
C ASP B 496 -17.34 -15.83 10.48
N ARG B 497 -17.93 -15.18 9.49
CA ARG B 497 -17.98 -15.71 8.13
C ARG B 497 -16.85 -15.22 7.24
N PHE B 498 -15.68 -14.98 7.82
CA PHE B 498 -14.53 -14.43 7.10
C PHE B 498 -13.32 -15.24 7.51
N TYR B 499 -13.00 -16.24 6.71
CA TYR B 499 -11.88 -17.12 6.98
C TYR B 499 -11.37 -17.86 5.78
N ALA B 500 -10.18 -18.44 5.94
CA ALA B 500 -9.57 -19.25 4.91
C ALA B 500 -9.05 -20.53 5.54
N LEU B 501 -9.05 -21.60 4.76
CA LEU B 501 -8.53 -22.87 5.20
C LEU B 501 -7.77 -23.53 4.07
N THR B 502 -6.77 -24.33 4.44
CA THR B 502 -6.06 -25.11 3.47
C THR B 502 -5.76 -26.49 4.02
N GLY B 503 -5.54 -27.43 3.12
CA GLY B 503 -5.18 -28.80 3.48
C GLY B 503 -4.68 -29.55 2.27
N SER B 504 -3.82 -30.54 2.52
CA SER B 504 -3.32 -31.45 1.50
C SER B 504 -3.92 -32.82 1.82
N PHE B 505 -4.67 -33.37 0.86
CA PHE B 505 -5.36 -34.63 1.01
C PHE B 505 -4.64 -35.68 0.18
N GLU B 506 -4.02 -36.65 0.86
CA GLU B 506 -3.28 -37.73 0.18
C GLU B 506 -4.18 -38.96 0.06
N PHE B 507 -4.42 -39.38 -1.18
CA PHE B 507 -5.30 -40.50 -1.49
C PHE B 507 -4.51 -41.65 -2.06
N GLY B 508 -4.96 -42.87 -1.81
CA GLY B 508 -4.44 -44.04 -2.53
C GLY B 508 -4.77 -43.94 -4.01
N LEU B 509 -3.93 -44.53 -4.86
CA LEU B 509 -4.13 -44.49 -6.30
C LEU B 509 -5.42 -45.17 -6.80
N ASN B 510 -5.95 -46.12 -6.03
CA ASN B 510 -7.21 -46.77 -6.38
C ASN B 510 -8.28 -46.53 -5.32
N THR B 511 -8.23 -45.35 -4.68
CA THR B 511 -9.21 -45.01 -3.65
C THR B 511 -10.62 -44.92 -4.22
N THR B 512 -11.60 -45.21 -3.38
CA THR B 512 -12.99 -44.86 -3.64
C THR B 512 -13.52 -44.01 -2.49
N ALA B 513 -12.62 -43.47 -1.67
CA ALA B 513 -13.01 -42.63 -0.55
C ALA B 513 -13.18 -41.19 -1.07
N LYS B 514 -13.99 -40.42 -0.34
CA LYS B 514 -14.17 -39.00 -0.61
C LYS B 514 -13.75 -38.25 0.63
N ALA B 515 -13.17 -37.06 0.43
CA ALA B 515 -12.84 -36.19 1.55
C ALA B 515 -12.91 -34.73 1.11
N GLY B 516 -12.95 -33.84 2.09
CA GLY B 516 -12.93 -32.41 1.82
C GLY B 516 -13.20 -31.58 3.05
N PHE B 517 -13.88 -30.45 2.85
CA PHE B 517 -14.13 -29.49 3.90
C PHE B 517 -15.61 -29.15 3.98
N ARG B 518 -16.12 -29.06 5.19
CA ARG B 518 -17.42 -28.45 5.45
C ARG B 518 -17.17 -27.05 5.99
N VAL B 519 -17.93 -26.08 5.49
CA VAL B 519 -17.81 -24.67 5.91
C VAL B 519 -19.17 -24.03 6.17
N LEU B 520 -19.15 -22.87 6.81
CA LEU B 520 -20.36 -22.13 7.21
C LEU B 520 -21.38 -23.06 7.87
N ALA B 521 -20.89 -23.77 8.89
CA ALA B 521 -21.59 -24.93 9.46
C ALA B 521 -22.10 -24.71 10.87
N SER B 522 -23.37 -25.01 11.07
CA SER B 522 -23.96 -25.29 12.38
C SER B 522 -24.61 -26.66 12.24
N GLU B 523 -25.36 -27.10 13.25
CA GLU B 523 -26.11 -28.36 13.17
C GLU B 523 -27.09 -28.36 11.99
N GLU B 524 -27.75 -27.23 11.78
CA GLU B 524 -28.87 -27.15 10.82
C GLU B 524 -28.52 -26.60 9.43
N GLU B 525 -27.39 -25.88 9.31
CA GLU B 525 -26.96 -25.32 8.03
C GLU B 525 -25.48 -25.61 7.85
N TYR B 526 -25.10 -25.99 6.63
CA TYR B 526 -23.70 -26.24 6.30
C TYR B 526 -23.53 -26.40 4.79
N THR B 527 -22.31 -26.19 4.33
CA THR B 527 -21.95 -26.35 2.93
C THR B 527 -20.78 -27.31 2.84
N ASP B 528 -20.92 -28.34 2.01
CA ASP B 528 -19.94 -29.42 1.93
C ASP B 528 -19.18 -29.37 0.62
N ILE B 529 -17.85 -29.31 0.75
CA ILE B 529 -16.95 -29.31 -0.39
C ILE B 529 -16.24 -30.66 -0.42
N TRP B 530 -16.54 -31.46 -1.44
CA TRP B 530 -16.06 -32.85 -1.52
C TRP B 530 -15.15 -32.98 -2.71
N PHE B 531 -14.10 -33.79 -2.58
CA PHE B 531 -13.42 -34.31 -3.75
C PHE B 531 -13.54 -35.84 -3.75
N ASP B 532 -13.79 -36.37 -4.94
CA ASP B 532 -14.05 -37.80 -5.16
C ASP B 532 -13.08 -38.22 -6.26
N PRO B 533 -11.87 -38.68 -5.86
CA PRO B 533 -10.86 -39.01 -6.86
C PRO B 533 -11.31 -40.03 -7.91
N ALA B 534 -12.15 -40.99 -7.52
CA ALA B 534 -12.64 -42.02 -8.46
C ALA B 534 -13.40 -41.43 -9.66
N SER B 535 -14.21 -40.40 -9.42
CA SER B 535 -14.93 -39.68 -10.50
C SER B 535 -14.20 -38.43 -11.04
N GLU B 536 -13.17 -37.97 -10.32
CA GLU B 536 -12.40 -36.75 -10.62
C GLU B 536 -13.22 -35.48 -10.41
N ASN B 537 -14.25 -35.55 -9.58
CA ASN B 537 -15.19 -34.46 -9.38
C ASN B 537 -14.98 -33.79 -8.04
N LEU B 538 -14.81 -32.46 -8.09
CA LEU B 538 -14.84 -31.59 -6.92
C LEU B 538 -16.24 -31.00 -6.89
N THR B 539 -16.97 -31.21 -5.81
CA THR B 539 -18.34 -30.75 -5.73
C THR B 539 -18.55 -29.85 -4.53
N VAL B 540 -19.52 -28.95 -4.65
CA VAL B 540 -20.02 -28.20 -3.51
C VAL B 540 -21.50 -28.50 -3.37
N VAL B 541 -21.84 -29.24 -2.32
CA VAL B 541 -23.21 -29.66 -2.08
C VAL B 541 -23.84 -28.62 -1.17
N ARG B 542 -24.94 -28.06 -1.64
CA ARG B 542 -25.58 -26.91 -1.00
C ARG B 542 -27.04 -27.15 -0.61
N THR B 543 -27.42 -28.42 -0.50
CA THR B 543 -28.78 -28.79 -0.11
C THR B 543 -29.12 -28.31 1.31
N ALA B 544 -28.12 -28.19 2.17
CA ALA B 544 -28.32 -27.66 3.52
C ALA B 544 -27.63 -26.30 3.77
N SER B 545 -27.16 -25.62 2.72
CA SER B 545 -26.42 -24.35 2.88
C SER B 545 -27.21 -23.29 3.63
N SER B 546 -28.52 -23.24 3.42
CA SER B 546 -29.36 -22.25 4.11
C SER B 546 -30.78 -22.73 4.39
N LEU B 547 -31.32 -22.30 5.52
CA LEU B 547 -32.74 -22.43 5.84
C LEU B 547 -33.61 -21.53 4.96
N ILE B 548 -33.03 -20.48 4.37
CA ILE B 548 -33.74 -19.59 3.47
C ILE B 548 -33.84 -20.30 2.11
N LYS B 549 -35.06 -20.66 1.73
CA LYS B 549 -35.27 -21.56 0.59
C LYS B 549 -35.21 -20.92 -0.80
N SER B 550 -35.23 -19.58 -0.87
CA SER B 550 -35.23 -18.89 -2.17
C SER B 550 -33.87 -18.82 -2.86
N PHE B 551 -32.77 -19.02 -2.12
CA PHE B 551 -31.43 -19.03 -2.73
C PHE B 551 -31.15 -20.33 -3.47
N GLY B 552 -30.23 -20.29 -4.44
CA GLY B 552 -29.87 -21.47 -5.19
C GLY B 552 -29.29 -22.55 -4.29
N ASN B 553 -29.59 -23.81 -4.60
CA ASN B 553 -29.07 -24.95 -3.85
C ASN B 553 -28.50 -26.07 -4.70
N ASP B 554 -28.25 -25.80 -5.98
CA ASP B 554 -27.70 -26.78 -6.90
C ASP B 554 -26.25 -27.09 -6.55
N THR B 555 -25.83 -28.31 -6.88
CA THR B 555 -24.50 -28.78 -6.56
C THR B 555 -23.51 -28.25 -7.59
N GLU B 556 -22.46 -27.58 -7.12
CA GLU B 556 -21.41 -27.11 -8.01
C GLU B 556 -20.51 -28.28 -8.32
N LEU B 557 -19.87 -28.24 -9.48
CA LEU B 557 -18.98 -29.31 -9.91
C LEU B 557 -17.83 -28.78 -10.74
N ALA B 558 -16.62 -29.21 -10.39
CA ALA B 558 -15.43 -29.01 -11.20
C ALA B 558 -14.74 -30.34 -11.41
N LYS B 559 -14.10 -30.49 -12.56
CA LYS B 559 -13.21 -31.61 -12.82
C LYS B 559 -11.81 -31.23 -12.33
N VAL B 560 -11.15 -32.16 -11.62
CA VAL B 560 -9.76 -31.95 -11.20
C VAL B 560 -8.96 -33.20 -11.55
N LYS B 561 -7.90 -33.01 -12.31
CA LYS B 561 -6.99 -34.08 -12.66
C LYS B 561 -5.85 -34.13 -11.65
N LEU B 562 -5.79 -35.19 -10.86
CA LEU B 562 -4.62 -35.43 -10.02
C LEU B 562 -3.55 -36.11 -10.87
N TYR B 563 -2.55 -35.34 -11.30
CA TYR B 563 -1.46 -35.87 -12.11
C TYR B 563 -0.59 -36.72 -11.20
N GLU B 564 -0.57 -38.03 -11.44
CA GLU B 564 0.14 -38.97 -10.57
C GLU B 564 1.61 -38.93 -10.93
N ILE B 565 2.48 -38.92 -9.92
CA ILE B 565 3.92 -38.78 -10.13
C ILE B 565 4.58 -40.16 -10.18
N VAL B 566 5.55 -40.31 -11.09
CA VAL B 566 6.27 -41.58 -11.28
C VAL B 566 6.89 -41.99 -9.93
N GLY B 567 6.63 -43.23 -9.52
CA GLY B 567 7.15 -43.76 -8.26
C GLY B 567 6.30 -43.53 -7.03
N ALA B 568 5.29 -42.65 -7.15
CA ALA B 568 4.43 -42.35 -6.01
C ALA B 568 3.41 -43.46 -5.83
N GLU B 569 3.07 -43.75 -4.59
CA GLU B 569 2.02 -44.72 -4.27
C GLU B 569 0.78 -44.01 -3.75
N SER B 570 0.65 -42.72 -4.09
CA SER B 570 -0.50 -41.92 -3.68
C SER B 570 -0.66 -40.74 -4.63
N LYS B 571 -1.77 -40.04 -4.49
CA LYS B 571 -2.03 -38.83 -5.26
C LYS B 571 -2.65 -37.79 -4.34
N THR B 572 -2.26 -36.52 -4.54
CA THR B 572 -2.55 -35.46 -3.58
C THR B 572 -3.37 -34.31 -4.16
N LEU B 573 -4.37 -33.88 -3.39
CA LEU B 573 -5.17 -32.70 -3.67
C LEU B 573 -4.83 -31.64 -2.63
N ASN B 574 -4.30 -30.52 -3.10
CA ASN B 574 -4.12 -29.35 -2.25
C ASN B 574 -5.30 -28.42 -2.45
N LEU B 575 -6.12 -28.31 -1.41
CA LEU B 575 -7.40 -27.62 -1.47
C LEU B 575 -7.35 -26.42 -0.53
N THR B 576 -7.61 -25.23 -1.07
CA THR B 576 -7.70 -23.99 -0.29
C THR B 576 -9.10 -23.39 -0.48
N VAL B 577 -9.71 -22.95 0.62
CA VAL B 577 -11.05 -22.36 0.60
C VAL B 577 -11.08 -21.02 1.32
N PHE B 578 -11.65 -20.01 0.65
CA PHE B 578 -11.91 -18.71 1.24
C PHE B 578 -13.41 -18.57 1.45
N VAL B 579 -13.78 -18.21 2.68
CA VAL B 579 -15.16 -17.94 3.07
C VAL B 579 -15.21 -16.47 3.42
N ASP B 580 -16.08 -15.75 2.75
CA ASP B 580 -16.12 -14.30 2.85
C ASP B 580 -17.56 -13.81 2.71
N GLY B 581 -18.26 -13.75 3.84
CA GLY B 581 -19.68 -13.43 3.86
C GLY B 581 -20.46 -14.60 3.28
N SER B 582 -20.92 -14.43 2.06
CA SER B 582 -21.61 -15.47 1.30
C SER B 582 -20.73 -16.13 0.24
N VAL B 583 -19.57 -15.56 -0.05
CA VAL B 583 -18.69 -16.14 -1.07
C VAL B 583 -17.95 -17.34 -0.47
N ILE B 584 -17.95 -18.44 -1.22
CA ILE B 584 -17.05 -19.56 -0.98
C ILE B 584 -16.22 -19.69 -2.25
N GLU B 585 -14.91 -19.45 -2.14
CA GLU B 585 -14.02 -19.48 -3.29
C GLU B 585 -12.92 -20.52 -3.08
N ILE B 586 -12.89 -21.50 -3.98
CA ILE B 586 -12.13 -22.73 -3.80
C ILE B 586 -11.03 -22.80 -4.86
N TYR B 587 -9.82 -23.14 -4.42
CA TYR B 587 -8.68 -23.33 -5.31
C TYR B 587 -8.10 -24.72 -5.07
N ALA B 588 -7.85 -25.44 -6.15
CA ALA B 588 -7.21 -26.77 -6.08
C ALA B 588 -5.93 -26.78 -6.91
N ASN B 589 -4.82 -27.14 -6.27
CA ASN B 589 -3.53 -27.35 -6.94
C ASN B 589 -3.05 -26.19 -7.80
N ASP B 590 -3.36 -24.96 -7.38
CA ASP B 590 -3.02 -23.77 -8.15
C ASP B 590 -3.43 -23.89 -9.62
N GLU B 591 -4.63 -24.40 -9.85
CA GLU B 591 -5.09 -24.78 -11.18
C GLU B 591 -6.59 -24.64 -11.33
N VAL B 592 -7.34 -25.31 -10.47
CA VAL B 592 -8.80 -25.34 -10.56
C VAL B 592 -9.40 -24.34 -9.58
N ALA B 593 -10.30 -23.50 -10.06
CA ALA B 593 -11.00 -22.52 -9.23
C ALA B 593 -12.51 -22.76 -9.33
N LEU B 594 -13.20 -22.59 -8.21
CA LEU B 594 -14.65 -22.70 -8.16
C LEU B 594 -15.20 -21.70 -7.14
N SER B 595 -15.95 -20.71 -7.62
CA SER B 595 -16.57 -19.68 -6.78
C SER B 595 -18.04 -19.98 -6.64
N THR B 596 -18.59 -19.88 -5.45
CA THR B 596 -20.02 -20.09 -5.26
C THR B 596 -20.55 -19.27 -4.10
N ARG B 597 -21.83 -19.45 -3.77
CA ARG B 597 -22.51 -18.67 -2.77
C ARG B 597 -23.26 -19.55 -1.78
N ALA B 598 -23.23 -19.16 -0.50
CA ALA B 598 -24.03 -19.79 0.55
C ALA B 598 -24.52 -18.71 1.48
N TYR B 599 -25.81 -18.78 1.83
CA TYR B 599 -26.46 -17.75 2.62
C TYR B 599 -27.15 -18.30 3.88
N PRO B 600 -26.41 -19.01 4.76
CA PRO B 600 -27.06 -19.49 5.97
C PRO B 600 -27.60 -18.35 6.83
N TRP B 601 -28.78 -18.56 7.39
CA TRP B 601 -29.43 -17.57 8.24
C TRP B 601 -28.85 -17.50 9.65
N LEU B 602 -28.56 -18.64 10.26
CA LEU B 602 -28.25 -18.66 11.69
C LEU B 602 -26.87 -18.04 11.97
N ALA B 603 -26.80 -17.24 13.03
CA ALA B 603 -25.56 -16.56 13.42
C ALA B 603 -24.40 -17.53 13.69
N ASN B 604 -24.73 -18.73 14.17
CA ASN B 604 -23.69 -19.73 14.47
C ASN B 604 -23.34 -20.68 13.32
N SER B 605 -23.88 -20.45 12.12
CA SER B 605 -23.51 -21.25 10.95
C SER B 605 -22.19 -20.74 10.34
N THR B 606 -21.13 -20.81 11.14
CA THR B 606 -19.80 -20.33 10.78
C THR B 606 -18.71 -21.40 10.89
N GLY B 607 -19.04 -22.58 11.43
CA GLY B 607 -18.05 -23.60 11.72
C GLY B 607 -17.47 -24.27 10.49
N ALA B 608 -16.37 -24.99 10.71
CA ALA B 608 -15.68 -25.67 9.63
C ALA B 608 -14.90 -26.90 10.12
N GLY B 609 -14.67 -27.82 9.19
CA GLY B 609 -13.92 -29.02 9.51
C GLY B 609 -13.80 -29.95 8.34
N LEU B 610 -13.41 -31.19 8.63
CA LEU B 610 -13.09 -32.19 7.61
C LEU B 610 -14.30 -33.07 7.30
N LEU B 611 -14.43 -33.41 6.04
CA LEU B 611 -15.44 -34.34 5.56
C LEU B 611 -14.75 -35.64 5.15
N ALA B 612 -15.40 -36.77 5.43
CA ALA B 612 -14.88 -38.10 5.11
C ALA B 612 -16.04 -39.00 4.73
N ASP B 613 -15.89 -39.71 3.62
CA ASP B 613 -16.88 -40.69 3.19
C ASP B 613 -16.20 -41.91 2.60
N GLY B 614 -16.53 -43.09 3.13
CA GLY B 614 -15.94 -44.34 2.68
C GLY B 614 -14.47 -44.49 3.04
N THR B 615 -14.02 -43.80 4.09
CA THR B 615 -12.65 -44.01 4.58
C THR B 615 -12.68 -45.20 5.54
N THR B 616 -11.71 -46.09 5.38
CA THR B 616 -11.66 -47.35 6.14
C THR B 616 -10.24 -47.58 6.64
N ALA B 617 -10.02 -48.71 7.33
CA ALA B 617 -8.67 -49.12 7.71
C ALA B 617 -7.76 -49.30 6.49
N GLY B 618 -8.32 -49.78 5.37
CA GLY B 618 -7.58 -50.07 4.14
C GLY B 618 -7.63 -48.99 3.05
N ASP B 619 -8.66 -48.13 3.09
CA ASP B 619 -8.76 -46.98 2.18
C ASP B 619 -8.71 -45.69 3.01
N VAL B 620 -7.50 -45.17 3.19
CA VAL B 620 -7.24 -44.10 4.15
C VAL B 620 -6.94 -42.80 3.39
N VAL B 621 -7.37 -41.67 3.95
CA VAL B 621 -7.04 -40.35 3.40
C VAL B 621 -6.24 -39.60 4.45
N GLY B 622 -4.98 -39.29 4.11
CA GLY B 622 -4.10 -38.56 5.00
C GLY B 622 -4.20 -37.08 4.72
N VAL B 623 -4.62 -36.32 5.74
CA VAL B 623 -4.74 -34.87 5.61
C VAL B 623 -3.61 -34.22 6.40
N SER B 624 -2.85 -33.36 5.73
CA SER B 624 -1.74 -32.64 6.34
C SER B 624 -1.72 -31.20 5.82
N GLY B 625 -0.79 -30.40 6.34
CA GLY B 625 -0.69 -28.98 5.99
C GLY B 625 -1.96 -28.20 6.30
N LEU B 626 -2.67 -28.62 7.35
CA LEU B 626 -3.95 -28.01 7.71
C LEU B 626 -3.74 -26.70 8.44
N GLU B 627 -4.46 -25.67 8.00
CA GLU B 627 -4.35 -24.38 8.65
C GLU B 627 -5.62 -23.56 8.45
N LEU B 628 -6.04 -22.89 9.52
CA LEU B 628 -7.20 -22.00 9.52
C LEU B 628 -6.72 -20.56 9.74
N TRP B 629 -7.17 -19.65 8.88
CA TRP B 629 -6.98 -18.22 9.09
C TRP B 629 -8.34 -17.60 9.42
N ASP B 630 -8.53 -17.18 10.66
CA ASP B 630 -9.77 -16.54 11.09
C ASP B 630 -9.68 -15.01 11.05
N GLY B 631 -10.53 -14.39 10.23
CA GLY B 631 -10.67 -12.92 10.18
C GLY B 631 -10.38 -12.29 8.84
N LEU B 632 -9.33 -12.75 8.17
CA LEU B 632 -8.86 -12.17 6.90
C LEU B 632 -8.56 -10.66 7.10
N VAL B 633 -8.90 -9.83 6.10
CA VAL B 633 -8.59 -8.40 6.11
C VAL B 633 -9.90 -7.64 5.88
N ASP B 634 -10.02 -6.48 6.54
CA ASP B 634 -11.06 -5.51 6.22
C ASP B 634 -10.65 -4.82 4.91
N ALA B 635 -11.21 -5.26 3.78
CA ALA B 635 -10.75 -4.78 2.47
C ALA B 635 -11.09 -3.31 2.16
N TRP B 636 -12.06 -2.73 2.88
CA TRP B 636 -12.50 -1.35 2.64
C TRP B 636 -12.50 -0.58 3.95
N PRO B 637 -11.30 -0.32 4.50
CA PRO B 637 -11.22 0.26 5.84
C PRO B 637 -11.92 1.60 6.02
N ALA B 638 -12.00 2.43 4.97
CA ALA B 638 -12.65 3.72 5.10
C ALA B 638 -14.18 3.64 5.02
N ARG B 639 -14.74 2.52 4.58
CA ARG B 639 -16.19 2.40 4.48
C ARG B 639 -16.79 2.02 5.83
N PRO B 640 -17.92 2.66 6.20
CA PRO B 640 -18.67 2.12 7.34
C PRO B 640 -19.28 0.77 7.01
N ALA B 641 -19.85 0.10 8.02
CA ALA B 641 -20.45 -1.23 7.82
C ALA B 641 -21.59 -1.21 6.79
N ASN B 642 -22.42 -0.17 6.87
CA ASN B 642 -23.53 0.00 5.94
C ASN B 642 -23.29 1.20 5.02
N THR B 643 -22.93 0.90 3.77
CA THR B 643 -22.74 1.93 2.75
C THR B 643 -23.92 2.05 1.78
N SER B 644 -25.07 1.45 2.14
CA SER B 644 -26.29 1.68 1.37
C SER B 644 -26.61 3.17 1.31
N GLN B 645 -27.09 3.62 0.15
CA GLN B 645 -27.67 4.95 0.04
C GLN B 645 -29.16 4.86 -0.31
N GLY B 646 -29.77 3.70 -0.04
CA GLY B 646 -31.14 3.44 -0.44
C GLY B 646 -31.23 3.02 -1.88
N LEU B 647 -32.42 2.59 -2.28
CA LEU B 647 -32.69 2.14 -3.63
C LEU B 647 -33.74 3.03 -4.26
N VAL B 648 -33.68 3.17 -5.57
CA VAL B 648 -34.62 4.01 -6.31
C VAL B 648 -35.23 3.27 -7.49
N TRP B 649 -36.38 3.76 -7.93
CA TRP B 649 -37.07 3.26 -9.11
C TRP B 649 -37.00 4.31 -10.22
N ASP B 650 -36.70 3.86 -11.44
CA ASP B 650 -36.63 4.76 -12.59
C ASP B 650 -38.00 5.32 -13.02
N GLY B 651 -39.06 4.67 -12.57
CA GLY B 651 -40.42 5.13 -12.85
C GLY B 651 -40.98 4.49 -14.11
N PRO B 652 -42.18 4.93 -14.51
CA PRO B 652 -42.86 4.31 -15.66
C PRO B 652 -42.11 4.43 -17.00
N THR B 653 -41.20 5.41 -17.14
CA THR B 653 -40.45 5.51 -18.39
C THR B 653 -39.46 4.34 -18.63
N ALA B 654 -39.07 3.61 -17.59
CA ALA B 654 -38.15 2.48 -17.79
C ALA B 654 -38.73 1.47 -18.78
N ALA B 655 -39.99 1.12 -18.59
CA ALA B 655 -40.70 0.22 -19.50
C ALA B 655 -40.94 0.83 -20.88
N MET B 656 -41.15 2.14 -20.94
CA MET B 656 -41.31 2.84 -22.22
C MET B 656 -40.05 2.78 -23.06
N TYR B 657 -38.90 3.10 -22.44
CA TYR B 657 -37.63 3.05 -23.15
C TYR B 657 -37.21 1.59 -23.44
N GLY B 658 -37.52 0.69 -22.51
CA GLY B 658 -37.29 -0.75 -22.71
C GLY B 658 -35.85 -1.20 -22.60
N LEU B 659 -35.00 -0.37 -22.03
CA LEU B 659 -33.54 -0.63 -22.00
C LEU B 659 -33.08 -1.26 -20.69
N PHE B 660 -33.64 -0.80 -19.57
CA PHE B 660 -33.24 -1.21 -18.23
C PHE B 660 -34.47 -1.64 -17.45
N ALA B 661 -34.29 -2.62 -16.55
CA ALA B 661 -35.37 -3.07 -15.67
C ALA B 661 -36.00 -1.89 -14.93
N GLY B 662 -35.16 -0.97 -14.45
CA GLY B 662 -35.61 0.26 -13.78
C GLY B 662 -35.45 0.26 -12.28
N TYR B 663 -34.96 -0.84 -11.71
CA TYR B 663 -34.76 -0.97 -10.26
C TYR B 663 -33.51 -1.77 -9.98
#